data_3H6Z
#
_entry.id   3H6Z
#
_cell.length_a   70.800
_cell.length_b   97.040
_cell.length_c   214.120
_cell.angle_alpha   90.000
_cell.angle_beta   90.000
_cell.angle_gamma   90.000
#
_symmetry.space_group_name_H-M   'P 2 21 21'
#
loop_
_entity.id
_entity.type
_entity.pdbx_description
1 polymer 'Polycomb protein Sfmbt'
2 polymer "'HR(MLZ)VLR"
3 branched beta-D-fructofuranose-(2-1)-alpha-D-glucopyranose
4 water water
#
loop_
_entity_poly.entity_id
_entity_poly.type
_entity_poly.pdbx_seq_one_letter_code
_entity_poly.pdbx_strand_id
1 'polypeptide(L)'
;GAMGSYDWLPRLSKENFNAAPVTCFPHAPGCEVWDNLGVGMKVEVENTDCDSIEVIQPGQTPTSFWVATILEIKGYKALM
SYEGFDTDSHDFWVNLCNAEVHSVGWCATRGKPLIPPRTIEHKYKDWKDFLVGRLSGARTLPSNFYNKINDSLQSRFRLG
LNLECVDKDRISQVRLATVTKIVGDRLFLRYFDSDDGFWCHEDSPIIHPVGWATTVGHNLAAPQDYLERMLAGREAMIEV
HEDDATIELFKMNFTFDEYYSDGKTNSFVEGMKLEAVDPLNLSSICPATVMAVLKFGYMMIRIDSYQPDASGSDWFCYHE
KSPCIFPAGFCSVNNISVTPPNGYDSRTFTWEGYLSDTGAVAAGQHLFHDIIPDHGFEVGMSLECADLMDPRLVCVATVA
RVVGRLLKVHFDGWTDEYDQWLDCESADIYPVGWCVLVNHKLEGPPR
;
A,B
2 'polypeptide(L)' HR(MLZ)VLR L,M
#
# COMPACT_ATOMS: atom_id res chain seq x y z
N GLY A 1 32.92 9.23 3.28
CA GLY A 1 32.23 9.88 2.14
C GLY A 1 33.11 11.00 1.63
N ALA A 2 32.53 12.18 1.47
CA ALA A 2 33.27 13.34 0.97
C ALA A 2 34.29 13.89 1.97
N MET A 3 34.12 13.57 3.23
CA MET A 3 34.89 14.17 4.32
C MET A 3 35.84 13.22 5.02
N GLY A 4 35.82 11.96 4.62
CA GLY A 4 36.62 10.94 5.30
C GLY A 4 35.87 10.31 6.46
N SER A 5 36.57 9.42 7.16
CA SER A 5 35.99 8.62 8.23
C SER A 5 37.09 8.11 9.17
N TYR A 6 36.70 7.61 10.34
CA TYR A 6 37.66 6.92 11.21
C TYR A 6 37.81 5.46 10.76
N ASP A 7 39.03 4.94 10.87
CA ASP A 7 39.32 3.55 10.52
C ASP A 7 39.70 2.82 11.81
N TRP A 8 39.11 1.65 12.04
CA TRP A 8 39.36 0.90 13.27
C TRP A 8 40.76 0.31 13.29
N LEU A 9 41.32 0.11 12.10
CA LEU A 9 42.58 -0.63 11.90
C LEU A 9 43.69 -0.46 12.95
N PRO A 10 44.07 0.79 13.30
CA PRO A 10 45.14 0.83 14.31
C PRO A 10 44.76 0.07 15.60
N ARG A 11 43.48 0.04 15.94
CA ARG A 11 43.01 -0.61 17.15
C ARG A 11 42.81 -2.11 16.95
N LEU A 12 42.36 -2.49 15.75
CA LEU A 12 42.10 -3.89 15.39
C LEU A 12 43.23 -4.85 15.73
N SER A 13 44.46 -4.39 15.56
CA SER A 13 45.65 -5.23 15.61
C SER A 13 46.35 -5.22 16.97
N LYS A 14 45.58 -5.22 18.05
CA LYS A 14 46.13 -5.39 19.40
C LYS A 14 45.31 -6.37 20.21
N GLU A 15 46.01 -7.25 20.93
CA GLU A 15 45.36 -8.33 21.68
C GLU A 15 44.84 -7.84 23.03
N ASN A 16 43.84 -6.97 22.95
CA ASN A 16 43.16 -6.38 24.08
C ASN A 16 41.91 -5.73 23.51
N PHE A 17 41.87 -5.63 22.18
CA PHE A 17 40.72 -5.11 21.46
C PHE A 17 39.71 -6.22 21.34
N ASN A 18 38.63 -6.08 22.10
CA ASN A 18 37.53 -7.02 22.04
C ASN A 18 36.32 -6.34 21.39
N ALA A 19 35.76 -6.98 20.36
CA ALA A 19 34.65 -6.41 19.61
C ALA A 19 33.41 -7.26 19.84
N ALA A 20 32.25 -6.63 19.90
CA ALA A 20 30.99 -7.37 19.96
C ALA A 20 30.82 -8.09 18.63
N PRO A 21 30.55 -9.40 18.66
CA PRO A 21 30.28 -10.10 17.41
C PRO A 21 29.02 -9.54 16.73
N VAL A 22 28.99 -9.61 15.41
CA VAL A 22 27.82 -9.24 14.60
C VAL A 22 26.55 -9.93 15.13
N THR A 23 26.72 -11.15 15.60
CA THR A 23 25.67 -11.95 16.25
C THR A 23 24.88 -11.20 17.36
N CYS A 24 25.47 -10.18 17.96
CA CYS A 24 24.85 -9.50 19.08
C CYS A 24 23.76 -8.52 18.65
N PHE A 25 23.76 -8.17 17.37
CA PHE A 25 22.95 -7.06 16.85
C PHE A 25 21.85 -7.57 15.90
N PRO A 26 20.65 -7.86 16.41
CA PRO A 26 19.64 -8.50 15.56
C PRO A 26 19.23 -7.70 14.33
N HIS A 27 19.48 -6.40 14.35
CA HIS A 27 19.15 -5.53 13.23
C HIS A 27 20.31 -5.35 12.25
N ALA A 28 21.52 -5.70 12.69
CA ALA A 28 22.71 -5.59 11.84
C ALA A 28 22.58 -6.44 10.60
N PRO A 29 23.10 -5.94 9.47
CA PRO A 29 23.01 -6.72 8.24
C PRO A 29 23.90 -7.93 8.37
N GLY A 30 23.42 -9.08 7.90
CA GLY A 30 24.19 -10.31 7.95
C GLY A 30 24.24 -10.94 9.33
N CYS A 31 23.40 -10.46 10.24
CA CYS A 31 23.35 -10.98 11.61
C CYS A 31 23.10 -12.49 11.69
N GLU A 32 22.10 -12.97 10.96
CA GLU A 32 21.79 -14.41 10.98
C GLU A 32 22.91 -15.27 10.38
N VAL A 33 23.29 -14.93 9.15
CA VAL A 33 24.27 -15.71 8.41
C VAL A 33 25.64 -15.69 9.10
N TRP A 34 25.86 -14.67 9.94
CA TRP A 34 27.17 -14.46 10.54
C TRP A 34 27.66 -15.57 11.47
N ASP A 35 26.76 -16.14 12.28
CA ASP A 35 27.22 -17.15 13.23
C ASP A 35 27.55 -18.49 12.54
N ASN A 36 27.31 -18.55 11.23
CA ASN A 36 27.80 -19.66 10.40
C ASN A 36 29.27 -19.52 10.00
N LEU A 37 29.84 -18.32 10.18
CA LEU A 37 31.26 -18.07 9.94
C LEU A 37 32.10 -18.62 11.07
N GLY A 38 33.31 -19.04 10.72
CA GLY A 38 34.21 -19.69 11.66
C GLY A 38 35.62 -19.18 11.51
N VAL A 39 36.32 -19.14 12.65
CA VAL A 39 37.66 -18.60 12.73
C VAL A 39 38.72 -19.59 12.19
N GLY A 40 38.48 -20.13 11.00
CA GLY A 40 39.43 -21.05 10.35
C GLY A 40 39.20 -21.22 8.86
N MET A 41 38.17 -20.56 8.35
CA MET A 41 37.72 -20.74 6.98
C MET A 41 38.72 -20.23 5.97
N LYS A 42 38.79 -20.93 4.84
CA LYS A 42 39.62 -20.50 3.73
C LYS A 42 38.76 -19.78 2.70
N VAL A 43 39.38 -18.92 1.91
CA VAL A 43 38.66 -17.91 1.13
C VAL A 43 39.54 -17.38 0.00
N GLU A 44 38.91 -17.03 -1.13
CA GLU A 44 39.63 -16.49 -2.29
C GLU A 44 39.57 -14.94 -2.28
N VAL A 45 40.75 -14.31 -2.30
CA VAL A 45 40.87 -12.84 -2.11
C VAL A 45 41.67 -12.16 -3.23
N GLU A 46 41.88 -10.85 -3.08
CA GLU A 46 42.70 -9.97 -3.94
C GLU A 46 41.88 -9.19 -4.96
N THR A 63 43.03 -8.06 -10.94
CA THR A 63 42.44 -9.03 -11.86
C THR A 63 42.93 -10.46 -11.60
N SER A 64 43.65 -10.67 -10.50
CA SER A 64 44.08 -12.02 -10.09
C SER A 64 43.94 -12.28 -8.58
N PHE A 65 43.80 -13.56 -8.22
CA PHE A 65 43.36 -13.95 -6.87
C PHE A 65 44.29 -14.94 -6.16
N TRP A 66 44.06 -15.14 -4.87
CA TRP A 66 44.74 -16.19 -4.10
C TRP A 66 43.87 -16.68 -2.94
N VAL A 67 44.16 -17.85 -2.37
CA VAL A 67 43.38 -18.27 -1.20
C VAL A 67 44.04 -17.79 0.10
N ALA A 68 43.18 -17.44 1.07
CA ALA A 68 43.62 -17.02 2.40
C ALA A 68 42.74 -17.62 3.49
N THR A 69 43.27 -17.65 4.71
CA THR A 69 42.56 -18.15 5.88
C THR A 69 42.14 -16.99 6.80
N ILE A 70 40.91 -17.07 7.30
CA ILE A 70 40.43 -16.15 8.33
C ILE A 70 40.98 -16.58 9.67
N LEU A 71 41.95 -15.83 10.19
CA LEU A 71 42.55 -16.14 11.50
C LEU A 71 41.76 -15.56 12.66
N GLU A 72 40.92 -14.56 12.40
CA GLU A 72 40.31 -13.77 13.46
C GLU A 72 39.14 -12.94 12.91
N ILE A 73 38.02 -12.97 13.63
CA ILE A 73 36.84 -12.17 13.29
C ILE A 73 36.53 -11.23 14.46
N LYS A 74 36.64 -9.94 14.19
CA LYS A 74 36.26 -8.91 15.13
C LYS A 74 35.23 -8.02 14.46
N GLY A 75 33.99 -8.11 14.91
CA GLY A 75 32.88 -7.41 14.27
C GLY A 75 32.76 -7.87 12.83
N TYR A 76 32.82 -6.93 11.89
CA TYR A 76 32.76 -7.27 10.48
C TYR A 76 34.15 -7.49 9.91
N LYS A 77 35.17 -7.24 10.72
CA LYS A 77 36.55 -7.28 10.24
C LYS A 77 37.09 -8.69 10.36
N ALA A 78 37.86 -9.11 9.37
CA ALA A 78 38.47 -10.43 9.37
C ALA A 78 39.96 -10.34 9.11
N LEU A 79 40.74 -11.07 9.90
CA LEU A 79 42.19 -11.10 9.71
C LEU A 79 42.55 -12.18 8.72
N MET A 80 43.02 -11.76 7.55
CA MET A 80 43.35 -12.68 6.47
C MET A 80 44.82 -13.07 6.48
N SER A 81 45.08 -14.33 6.12
CA SER A 81 46.44 -14.84 5.97
C SER A 81 46.52 -15.66 4.69
N TYR A 82 47.39 -15.25 3.76
CA TYR A 82 47.56 -15.96 2.50
C TYR A 82 48.21 -17.32 2.72
N GLU A 83 47.87 -18.27 1.85
CA GLU A 83 48.49 -19.59 1.89
C GLU A 83 49.96 -19.53 1.50
N GLY A 84 50.79 -20.26 2.23
CA GLY A 84 52.21 -20.42 1.89
C GLY A 84 53.07 -19.29 2.41
N PHE A 85 52.57 -18.60 3.43
CA PHE A 85 53.35 -17.60 4.12
C PHE A 85 53.78 -18.14 5.47
N ASP A 86 55.09 -18.19 5.69
CA ASP A 86 55.68 -18.69 6.93
C ASP A 86 55.29 -17.86 8.15
N THR A 87 55.15 -16.55 7.96
CA THR A 87 54.94 -15.62 9.06
C THR A 87 53.67 -14.76 8.90
N ASP A 88 53.31 -14.05 9.96
CA ASP A 88 52.18 -13.13 9.96
C ASP A 88 52.52 -11.80 9.28
N SER A 89 53.75 -11.70 8.79
CA SER A 89 54.24 -10.50 8.10
C SER A 89 53.25 -9.87 7.11
N HIS A 90 52.59 -10.69 6.31
CA HIS A 90 51.70 -10.19 5.26
C HIS A 90 50.22 -10.37 5.54
N ASP A 91 49.89 -10.69 6.80
CA ASP A 91 48.48 -10.76 7.23
C ASP A 91 47.82 -9.39 7.07
N PHE A 92 46.56 -9.39 6.65
CA PHE A 92 45.86 -8.14 6.37
C PHE A 92 44.41 -8.25 6.82
N TRP A 93 43.86 -7.13 7.27
CA TRP A 93 42.46 -7.08 7.70
C TRP A 93 41.57 -6.69 6.53
N VAL A 94 40.40 -7.32 6.47
CA VAL A 94 39.40 -6.96 5.47
C VAL A 94 38.03 -6.74 6.12
N ASN A 95 37.18 -5.96 5.47
CA ASN A 95 35.77 -5.92 5.80
C ASN A 95 35.05 -7.09 5.16
N LEU A 96 35.04 -8.23 5.84
CA LEU A 96 34.53 -9.50 5.31
C LEU A 96 33.27 -9.42 4.46
N CYS A 97 32.34 -8.56 4.88
CA CYS A 97 31.02 -8.51 4.25
C CYS A 97 30.95 -7.53 3.07
N ASN A 98 32.10 -6.99 2.68
CA ASN A 98 32.18 -6.09 1.51
C ASN A 98 33.58 -5.93 0.88
N ALA A 99 34.53 -6.77 1.26
CA ALA A 99 35.81 -6.80 0.59
C ALA A 99 35.66 -7.62 -0.68
N GLU A 100 36.72 -7.66 -1.48
CA GLU A 100 36.73 -8.48 -2.69
C GLU A 100 37.05 -9.93 -2.33
N VAL A 101 36.16 -10.51 -1.54
CA VAL A 101 36.34 -11.82 -0.94
C VAL A 101 35.27 -12.76 -1.49
N HIS A 102 35.66 -13.99 -1.82
CA HIS A 102 34.73 -14.98 -2.35
C HIS A 102 34.98 -16.33 -1.72
N SER A 103 33.98 -17.21 -1.80
CA SER A 103 34.17 -18.58 -1.33
C SER A 103 35.01 -19.40 -2.29
N VAL A 104 35.85 -20.26 -1.72
CA VAL A 104 36.70 -21.20 -2.45
C VAL A 104 35.89 -21.90 -3.53
N GLY A 105 36.38 -21.79 -4.76
CA GLY A 105 35.68 -22.34 -5.92
C GLY A 105 35.17 -21.27 -6.84
N TRP A 106 35.20 -20.01 -6.36
CA TRP A 106 34.70 -18.88 -7.14
C TRP A 106 35.51 -18.67 -8.41
N CYS A 107 36.83 -18.69 -8.28
CA CYS A 107 37.74 -18.51 -9.42
C CYS A 107 37.55 -19.57 -10.50
N ALA A 108 37.51 -20.83 -10.08
CA ALA A 108 37.37 -21.95 -11.01
C ALA A 108 36.08 -21.84 -11.81
N THR A 109 35.01 -21.38 -11.17
CA THR A 109 33.72 -21.27 -11.83
C THR A 109 33.65 -20.12 -12.83
N ARG A 110 34.49 -19.10 -12.61
CA ARG A 110 34.47 -17.91 -13.45
C ARG A 110 35.68 -17.80 -14.42
N GLY A 111 36.67 -18.66 -14.21
CA GLY A 111 37.88 -18.66 -15.04
C GLY A 111 38.91 -17.61 -14.66
N LYS A 112 38.91 -17.23 -13.38
CA LYS A 112 39.80 -16.20 -12.87
C LYS A 112 41.10 -16.82 -12.38
N PRO A 113 42.24 -16.10 -12.56
CA PRO A 113 43.56 -16.66 -12.26
C PRO A 113 43.90 -16.67 -10.77
N LEU A 114 44.41 -17.80 -10.30
CA LEU A 114 44.98 -17.88 -8.94
C LEU A 114 46.51 -17.79 -9.05
N ILE A 115 47.05 -16.61 -8.75
CA ILE A 115 48.49 -16.36 -8.88
C ILE A 115 49.12 -16.05 -7.52
N PRO A 116 50.18 -16.78 -7.14
CA PRO A 116 50.85 -16.60 -5.84
C PRO A 116 51.39 -15.17 -5.66
N PRO A 117 51.16 -14.56 -4.48
CA PRO A 117 51.69 -13.22 -4.25
C PRO A 117 53.20 -13.19 -4.46
N ARG A 118 53.73 -12.06 -4.95
CA ARG A 118 55.14 -11.95 -5.35
C ARG A 118 56.15 -12.53 -4.35
N THR A 119 55.89 -12.34 -3.06
CA THR A 119 56.82 -12.72 -1.99
C THR A 119 57.09 -14.22 -1.92
N ILE A 120 56.17 -15.03 -2.43
CA ILE A 120 56.28 -16.48 -2.29
C ILE A 120 56.35 -17.26 -3.60
N GLU A 121 56.39 -16.55 -4.75
CA GLU A 121 56.50 -17.16 -6.08
C GLU A 121 57.49 -18.32 -6.13
N HIS A 122 58.69 -18.07 -5.60
CA HIS A 122 59.84 -18.98 -5.66
C HIS A 122 59.58 -20.39 -5.11
N LYS A 123 58.62 -20.50 -4.19
CA LYS A 123 58.30 -21.76 -3.50
C LYS A 123 58.05 -22.93 -4.46
N TYR A 124 57.33 -22.69 -5.54
CA TYR A 124 56.99 -23.74 -6.52
C TYR A 124 56.94 -23.22 -7.97
N LYS A 125 57.22 -24.12 -8.91
CA LYS A 125 57.03 -23.84 -10.34
C LYS A 125 55.54 -23.92 -10.61
N ASP A 126 54.89 -24.94 -10.03
CA ASP A 126 53.44 -25.12 -10.15
C ASP A 126 52.72 -25.19 -8.80
N TRP A 127 51.56 -24.55 -8.70
CA TRP A 127 50.88 -24.36 -7.43
C TRP A 127 49.59 -25.14 -7.19
N LYS A 128 49.12 -25.91 -8.19
CA LYS A 128 47.86 -26.63 -8.02
C LYS A 128 47.92 -27.60 -6.83
N ASP A 129 49.02 -28.33 -6.70
CA ASP A 129 49.18 -29.35 -5.65
C ASP A 129 49.15 -28.76 -4.27
N PHE A 130 49.96 -27.73 -4.05
CA PHE A 130 49.99 -27.04 -2.78
C PHE A 130 48.58 -26.62 -2.35
N LEU A 131 47.88 -25.95 -3.26
CA LEU A 131 46.55 -25.41 -2.98
C LEU A 131 45.53 -26.51 -2.74
N VAL A 132 45.48 -27.48 -3.65
CA VAL A 132 44.59 -28.63 -3.48
C VAL A 132 44.81 -29.25 -2.11
N GLY A 133 46.08 -29.35 -1.70
CA GLY A 133 46.45 -29.86 -0.39
C GLY A 133 45.91 -29.02 0.75
N ARG A 134 45.88 -27.71 0.56
CA ARG A 134 45.41 -26.78 1.59
C ARG A 134 43.88 -26.65 1.61
N LEU A 135 43.25 -26.83 0.46
CA LEU A 135 41.81 -26.61 0.35
C LEU A 135 40.96 -27.85 0.64
N SER A 136 41.57 -29.03 0.61
CA SER A 136 40.84 -30.28 0.83
C SER A 136 40.19 -30.31 2.20
N GLY A 137 38.90 -30.63 2.24
CA GLY A 137 38.10 -30.73 3.48
C GLY A 137 38.14 -29.48 4.36
N ALA A 138 38.28 -28.33 3.73
CA ALA A 138 38.38 -27.05 4.42
C ALA A 138 37.09 -26.29 4.27
N ARG A 139 36.73 -25.52 5.28
CA ARG A 139 35.51 -24.71 5.26
C ARG A 139 35.70 -23.40 4.48
N THR A 140 34.61 -22.91 3.89
CA THR A 140 34.58 -21.57 3.31
C THR A 140 33.34 -20.84 3.75
N LEU A 141 33.08 -19.72 3.10
CA LEU A 141 31.94 -18.88 3.41
C LEU A 141 30.64 -19.66 3.26
N PRO A 142 29.73 -19.51 4.23
CA PRO A 142 28.36 -20.01 4.17
C PRO A 142 27.76 -20.00 2.77
N SER A 143 26.86 -20.96 2.55
CA SER A 143 26.16 -21.21 1.29
C SER A 143 25.97 -20.00 0.35
N ASN A 144 25.11 -19.05 0.74
CA ASN A 144 24.84 -17.89 -0.10
C ASN A 144 25.24 -16.60 0.58
N PHE A 145 26.44 -16.62 1.17
CA PHE A 145 26.90 -15.60 2.11
C PHE A 145 26.58 -14.15 1.76
N TYR A 146 26.94 -13.73 0.55
CA TYR A 146 26.78 -12.32 0.16
C TYR A 146 25.40 -11.90 -0.27
N ASN A 147 24.60 -12.86 -0.75
CA ASN A 147 23.19 -12.62 -1.05
C ASN A 147 22.42 -12.31 0.23
N LYS A 148 22.68 -13.09 1.27
CA LYS A 148 22.03 -12.89 2.57
C LYS A 148 22.39 -11.49 3.07
N ILE A 149 23.66 -11.11 2.92
CA ILE A 149 24.14 -9.80 3.37
C ILE A 149 23.40 -8.67 2.65
N ASN A 150 23.28 -8.79 1.33
CA ASN A 150 22.64 -7.77 0.52
C ASN A 150 21.14 -7.64 0.75
N ASP A 151 20.48 -8.75 1.04
CA ASP A 151 19.05 -8.74 1.36
C ASP A 151 18.80 -7.88 2.59
N SER A 152 19.50 -8.18 3.69
CA SER A 152 19.31 -7.44 4.94
C SER A 152 19.75 -5.98 4.83
N LEU A 153 20.53 -5.69 3.79
CA LEU A 153 21.10 -4.37 3.54
C LEU A 153 20.07 -3.37 3.02
N GLN A 154 18.85 -3.85 2.77
CA GLN A 154 17.80 -3.03 2.20
C GLN A 154 16.84 -2.51 3.26
N SER A 155 16.32 -1.30 3.03
CA SER A 155 15.36 -0.70 3.93
C SER A 155 13.92 -1.11 3.58
N ARG A 156 13.12 -1.35 4.62
CA ARG A 156 11.68 -1.56 4.49
C ARG A 156 11.00 -0.31 3.96
N PHE A 157 11.61 0.84 4.24
CA PHE A 157 11.11 2.13 3.78
C PHE A 157 11.73 2.51 2.45
N ARG A 158 11.11 3.46 1.76
CA ARG A 158 11.67 3.99 0.54
C ARG A 158 11.53 5.52 0.55
N LEU A 159 12.29 6.21 -0.28
CA LEU A 159 12.21 7.67 -0.30
C LEU A 159 10.79 8.17 -0.64
N GLY A 160 10.32 9.16 0.11
CA GLY A 160 9.07 9.84 -0.20
C GLY A 160 7.87 9.44 0.64
N LEU A 161 8.07 8.48 1.54
CA LEU A 161 7.00 7.99 2.40
C LEU A 161 6.73 8.98 3.52
N ASN A 162 5.46 9.19 3.83
CA ASN A 162 5.07 9.94 5.01
C ASN A 162 4.83 9.03 6.19
N LEU A 163 5.32 9.43 7.36
CA LEU A 163 5.00 8.73 8.60
C LEU A 163 4.77 9.71 9.75
N GLU A 164 4.41 9.19 10.92
CA GLU A 164 4.24 10.01 12.11
C GLU A 164 5.43 9.82 13.04
N CYS A 165 6.06 10.93 13.37
CA CYS A 165 7.38 10.92 13.98
C CYS A 165 7.38 11.83 15.19
N VAL A 166 8.01 11.40 16.28
CA VAL A 166 8.04 12.18 17.53
C VAL A 166 8.63 13.58 17.27
N ASP A 167 7.85 14.60 17.56
CA ASP A 167 8.28 16.00 17.39
C ASP A 167 9.39 16.30 18.37
N LYS A 168 10.59 16.52 17.83
CA LYS A 168 11.76 16.83 18.63
C LYS A 168 11.63 18.13 19.42
N ASP A 169 10.67 18.97 19.05
CA ASP A 169 10.41 20.24 19.75
C ASP A 169 9.29 20.12 20.77
N ARG A 170 8.52 19.04 20.69
CA ARG A 170 7.39 18.83 21.57
C ARG A 170 7.20 17.32 21.66
N ILE A 171 8.00 16.69 22.53
CA ILE A 171 8.07 15.23 22.59
C ILE A 171 6.76 14.54 22.99
N SER A 172 5.79 15.35 23.44
CA SER A 172 4.46 14.82 23.79
C SER A 172 3.54 14.64 22.59
N GLN A 173 4.07 14.80 21.40
CA GLN A 173 3.25 14.81 20.20
C GLN A 173 4.05 14.25 19.03
N VAL A 174 3.36 13.60 18.10
CA VAL A 174 4.01 13.24 16.84
C VAL A 174 3.62 14.21 15.71
N ARG A 175 4.48 14.28 14.70
CA ARG A 175 4.39 15.28 13.65
C ARG A 175 4.56 14.57 12.32
N LEU A 176 3.71 14.89 11.34
CA LEU A 176 3.83 14.28 10.01
C LEU A 176 5.21 14.56 9.44
N ALA A 177 5.86 13.52 8.94
CA ALA A 177 7.21 13.64 8.41
C ALA A 177 7.37 12.86 7.10
N THR A 178 8.55 12.95 6.50
CA THR A 178 8.83 12.28 5.22
C THR A 178 10.23 11.67 5.22
N VAL A 179 10.31 10.43 4.76
CA VAL A 179 11.61 9.80 4.53
C VAL A 179 12.27 10.52 3.36
N THR A 180 13.39 11.17 3.64
CA THR A 180 14.07 11.97 2.67
C THR A 180 15.40 11.35 2.27
N LYS A 181 16.06 10.70 3.22
CA LYS A 181 17.34 10.07 2.96
C LYS A 181 17.32 8.71 3.60
N ILE A 182 18.04 7.76 3.00
CA ILE A 182 18.31 6.47 3.63
C ILE A 182 19.79 6.12 3.46
N VAL A 183 20.49 5.96 4.58
CA VAL A 183 21.80 5.29 4.55
C VAL A 183 21.85 4.13 5.55
N GLY A 184 22.14 2.96 5.00
CA GLY A 184 22.06 1.67 5.69
C GLY A 184 20.96 1.54 6.73
N ASP A 185 19.71 1.50 6.29
CA ASP A 185 18.58 1.31 7.22
C ASP A 185 18.37 2.43 8.26
N ARG A 186 19.22 3.44 8.26
CA ARG A 186 18.93 4.66 9.01
C ARG A 186 18.19 5.65 8.09
N LEU A 187 17.12 6.25 8.61
CA LEU A 187 16.26 7.12 7.82
C LEU A 187 16.43 8.56 8.21
N PHE A 188 16.38 9.49 7.26
CA PHE A 188 16.16 10.87 7.67
C PHE A 188 14.70 11.30 7.50
N LEU A 189 14.15 11.83 8.58
CA LEU A 189 12.74 12.22 8.61
C LEU A 189 12.59 13.71 8.68
N ARG A 190 12.02 14.27 7.61
CA ARG A 190 11.84 15.69 7.50
C ARG A 190 10.38 15.97 7.80
N TYR A 191 10.14 16.88 8.73
CA TYR A 191 8.77 17.25 9.11
C TYR A 191 8.05 18.04 7.99
N PHE A 192 6.73 18.01 8.00
CA PHE A 192 5.93 18.51 6.87
C PHE A 192 5.97 20.01 6.65
N ASP A 193 6.12 20.77 7.73
CA ASP A 193 5.99 22.21 7.71
C ASP A 193 7.35 22.89 7.78
N SER A 194 8.38 22.10 7.54
CA SER A 194 9.71 22.38 8.04
C SER A 194 10.81 21.79 7.16
N ASP A 195 12.03 22.33 7.26
CA ASP A 195 13.20 21.62 6.74
C ASP A 195 14.06 21.09 7.89
N ASP A 196 13.39 20.75 8.98
CA ASP A 196 14.02 20.18 10.15
C ASP A 196 13.53 18.74 10.36
N GLY A 197 14.27 17.97 11.15
CA GLY A 197 13.90 16.58 11.41
C GLY A 197 15.06 15.84 12.04
N PHE A 198 15.04 14.52 11.95
CA PHE A 198 16.15 13.75 12.51
C PHE A 198 16.40 12.40 11.86
N TRP A 199 17.61 11.90 12.07
CA TRP A 199 17.96 10.53 11.73
C TRP A 199 17.47 9.61 12.83
N CYS A 200 16.97 8.45 12.42
CA CYS A 200 16.77 7.35 13.35
C CYS A 200 16.70 6.06 12.54
N HIS A 201 16.95 4.94 13.23
CA HIS A 201 16.91 3.65 12.58
C HIS A 201 15.48 3.25 12.29
N GLU A 202 15.34 2.62 11.13
CA GLU A 202 14.17 1.86 10.72
C GLU A 202 13.34 1.28 11.88
N ASP A 203 14.02 0.68 12.84
CA ASP A 203 13.39 -0.10 13.90
C ASP A 203 13.10 0.67 15.18
N SER A 204 13.43 1.96 15.23
CA SER A 204 13.33 2.69 16.49
C SER A 204 11.88 2.94 16.89
N PRO A 205 11.61 2.93 18.22
CA PRO A 205 10.26 3.05 18.75
C PRO A 205 9.64 4.42 18.62
N ILE A 206 10.37 5.40 18.08
CA ILE A 206 9.82 6.76 18.00
C ILE A 206 9.28 7.21 16.64
N ILE A 207 9.29 6.32 15.65
CA ILE A 207 8.59 6.56 14.39
C ILE A 207 7.40 5.62 14.28
N HIS A 208 6.32 6.12 13.67
CA HIS A 208 5.05 5.39 13.64
C HIS A 208 4.33 5.53 12.30
N PRO A 209 3.46 4.56 11.96
CA PRO A 209 2.74 4.59 10.67
C PRO A 209 1.68 5.69 10.63
N VAL A 210 1.21 6.07 9.44
CA VAL A 210 0.14 7.07 9.38
C VAL A 210 -1.13 6.47 9.98
N GLY A 211 -1.77 7.26 10.84
CA GLY A 211 -2.97 6.82 11.55
C GLY A 211 -2.71 6.35 12.97
N TRP A 212 -1.43 6.20 13.30
CA TRP A 212 -1.00 5.69 14.62
C TRP A 212 -1.47 6.58 15.76
N ALA A 213 -1.26 7.88 15.61
CA ALA A 213 -1.60 8.86 16.65
C ALA A 213 -3.07 8.84 16.99
N THR A 214 -3.93 8.81 15.97
CA THR A 214 -5.36 8.84 16.28
C THR A 214 -5.91 7.46 16.68
N THR A 215 -5.21 6.40 16.29
CA THR A 215 -5.49 5.05 16.77
C THR A 215 -5.24 4.94 18.29
N VAL A 216 -4.04 5.34 18.68
CA VAL A 216 -3.52 5.09 20.01
C VAL A 216 -4.10 6.11 21.00
N GLY A 217 -4.41 7.30 20.48
CA GLY A 217 -4.83 8.44 21.31
C GLY A 217 -3.67 9.37 21.68
N HIS A 218 -2.61 9.32 20.87
CA HIS A 218 -1.44 10.17 21.05
C HIS A 218 -1.70 11.49 20.33
N ASN A 219 -1.10 12.57 20.83
CA ASN A 219 -1.18 13.89 20.20
C ASN A 219 -0.55 13.98 18.82
N LEU A 220 -1.21 14.71 17.93
CA LEU A 220 -0.82 14.77 16.53
C LEU A 220 -0.70 16.21 16.04
N ALA A 221 0.34 16.47 15.25
CA ALA A 221 0.52 17.74 14.54
C ALA A 221 0.66 17.42 13.06
N ALA A 222 -0.28 17.89 12.26
CA ALA A 222 -0.32 17.56 10.84
C ALA A 222 -1.18 18.55 10.07
N PRO A 223 -1.07 18.56 8.73
CA PRO A 223 -1.92 19.42 7.89
C PRO A 223 -3.40 19.16 8.11
N GLN A 224 -4.23 20.12 7.74
CA GLN A 224 -5.68 20.02 7.88
C GLN A 224 -6.23 18.79 7.15
N ASP A 225 -5.86 18.60 5.88
CA ASP A 225 -6.36 17.49 5.05
C ASP A 225 -6.03 16.15 5.66
N TYR A 226 -4.87 16.06 6.31
CA TYR A 226 -4.41 14.85 6.98
C TYR A 226 -5.17 14.65 8.28
N LEU A 227 -5.33 15.71 9.07
CA LEU A 227 -6.17 15.65 10.26
C LEU A 227 -7.59 15.18 9.91
N GLU A 228 -8.12 15.63 8.76
CA GLU A 228 -9.43 15.23 8.30
C GLU A 228 -9.44 13.78 7.90
N ARG A 229 -8.40 13.36 7.16
CA ARG A 229 -8.22 11.97 6.72
C ARG A 229 -8.21 10.98 7.89
N MET A 230 -7.51 11.34 8.96
CA MET A 230 -7.38 10.45 10.10
C MET A 230 -8.71 10.38 10.85
N LEU A 231 -9.37 11.53 11.00
CA LEU A 231 -10.69 11.60 11.66
C LEU A 231 -11.74 10.87 10.84
N ALA A 232 -11.64 10.96 9.51
CA ALA A 232 -12.55 10.28 8.60
C ALA A 232 -12.12 8.84 8.35
N GLY A 233 -11.25 8.34 9.23
CA GLY A 233 -10.78 6.97 9.14
C GLY A 233 -11.16 6.26 10.43
N ARG A 234 -11.70 7.04 11.35
CA ARG A 234 -12.00 6.57 12.67
C ARG A 234 -13.50 6.70 12.91
N GLU A 235 -14.14 7.64 12.19
CA GLU A 235 -15.60 7.70 12.16
C GLU A 235 -16.16 6.67 11.18
N ALA A 236 -15.34 6.28 10.20
CA ALA A 236 -15.76 5.42 9.12
C ALA A 236 -14.70 4.38 8.77
N MET A 237 -13.94 4.65 7.70
CA MET A 237 -12.97 3.70 7.15
C MET A 237 -11.64 4.36 6.82
N ILE A 238 -10.55 3.62 7.01
CA ILE A 238 -9.20 4.13 6.73
C ILE A 238 -8.96 4.35 5.23
N GLU A 239 -8.63 5.60 4.87
CA GLU A 239 -8.24 5.89 3.49
C GLU A 239 -6.72 5.91 3.40
N VAL A 240 -6.19 4.90 2.72
CA VAL A 240 -4.76 4.68 2.59
C VAL A 240 -4.23 5.41 1.35
N HIS A 241 -3.17 6.18 1.52
CA HIS A 241 -2.50 6.83 0.38
C HIS A 241 -1.23 6.10 -0.03
N GLU A 242 -0.90 6.27 -1.31
CA GLU A 242 0.26 5.65 -1.93
C GLU A 242 1.59 5.94 -1.21
N ASP A 243 1.65 7.04 -0.48
CA ASP A 243 2.89 7.40 0.22
C ASP A 243 2.77 7.20 1.72
N ASP A 244 1.73 6.51 2.17
CA ASP A 244 1.63 6.19 3.58
C ASP A 244 2.63 5.11 3.95
N ALA A 245 3.40 5.38 5.00
CA ALA A 245 4.15 4.32 5.64
C ALA A 245 3.13 3.65 6.53
N THR A 246 2.88 2.37 6.28
CA THR A 246 1.87 1.67 7.06
C THR A 246 2.46 0.65 8.03
N ILE A 247 1.59 0.10 8.88
CA ILE A 247 2.00 -0.73 10.03
C ILE A 247 3.04 -1.80 9.70
N GLU A 248 2.90 -2.45 8.55
CA GLU A 248 3.78 -3.56 8.16
C GLU A 248 5.26 -3.15 8.03
N LEU A 249 5.54 -1.85 7.94
CA LEU A 249 6.90 -1.36 7.79
C LEU A 249 7.59 -1.12 9.14
N PHE A 250 6.82 -1.23 10.21
CA PHE A 250 7.31 -0.86 11.52
C PHE A 250 7.56 -2.07 12.40
N LYS A 251 8.54 -1.95 13.31
CA LYS A 251 8.83 -3.00 14.26
C LYS A 251 8.03 -2.72 15.51
N MET A 252 7.27 -3.71 15.95
CA MET A 252 6.53 -3.62 17.20
C MET A 252 6.90 -4.79 18.07
N ASN A 253 6.95 -4.55 19.38
CA ASN A 253 7.29 -5.57 20.35
C ASN A 253 6.07 -6.35 20.85
N PHE A 254 4.94 -6.15 20.18
CA PHE A 254 3.65 -6.74 20.56
C PHE A 254 2.76 -6.75 19.33
N THR A 255 1.54 -7.29 19.47
CA THR A 255 0.53 -7.14 18.42
C THR A 255 -0.77 -6.62 18.99
N PHE A 256 -1.55 -5.92 18.16
CA PHE A 256 -2.82 -5.35 18.61
C PHE A 256 -3.82 -6.38 19.12
N ASP A 257 -3.70 -7.62 18.64
CA ASP A 257 -4.52 -8.75 19.12
C ASP A 257 -4.59 -8.76 20.63
N GLU A 258 -3.40 -8.67 21.25
CA GLU A 258 -3.23 -8.81 22.70
C GLU A 258 -4.17 -7.89 23.46
N TYR A 259 -4.50 -6.75 22.85
CA TYR A 259 -5.35 -5.75 23.50
C TYR A 259 -6.84 -5.86 23.19
N TYR A 260 -7.21 -6.20 21.96
CA TYR A 260 -8.63 -6.30 21.62
C TYR A 260 -9.22 -7.72 21.63
N SER A 261 -8.36 -8.74 21.45
CA SER A 261 -8.81 -10.13 21.32
C SER A 261 -8.74 -10.87 22.65
N ASP A 262 -7.54 -10.99 23.19
CA ASP A 262 -7.32 -11.58 24.51
C ASP A 262 -7.47 -10.45 25.53
N GLY A 263 -7.61 -10.78 26.82
CA GLY A 263 -7.69 -9.76 27.86
C GLY A 263 -6.49 -8.82 27.80
N LYS A 264 -6.73 -7.52 27.73
CA LYS A 264 -5.68 -6.49 27.68
C LYS A 264 -4.52 -6.73 28.66
N THR A 265 -3.29 -6.67 28.15
CA THR A 265 -2.08 -6.76 28.99
C THR A 265 -1.84 -5.45 29.78
N ASN A 266 -2.80 -4.52 29.71
CA ASN A 266 -2.71 -3.18 30.31
C ASN A 266 -2.74 -3.25 31.85
N SER A 267 -1.84 -2.52 32.49
CA SER A 267 -1.65 -2.65 33.93
C SER A 267 -1.24 -1.36 34.63
N PHE A 268 -0.49 -0.51 33.93
CA PHE A 268 -0.18 0.80 34.46
C PHE A 268 -1.44 1.64 34.53
N VAL A 269 -1.65 2.31 35.64
CA VAL A 269 -2.73 3.29 35.80
C VAL A 269 -2.11 4.66 36.08
N GLU A 270 -2.85 5.71 35.73
CA GLU A 270 -2.38 7.10 35.80
C GLU A 270 -2.06 7.51 37.23
N GLY A 271 -0.83 7.97 37.45
CA GLY A 271 -0.37 8.32 38.79
C GLY A 271 0.68 7.40 39.39
N MET A 272 0.83 6.21 38.81
CA MET A 272 1.83 5.24 39.27
C MET A 272 3.23 5.76 38.99
N LYS A 273 4.07 5.75 40.04
CA LYS A 273 5.49 6.10 39.92
C LYS A 273 6.32 4.90 39.42
N LEU A 274 7.44 5.18 38.75
CA LEU A 274 8.37 4.17 38.22
C LEU A 274 9.71 4.82 37.86
N GLU A 275 10.61 4.07 37.23
CA GLU A 275 11.91 4.61 36.78
C GLU A 275 12.03 4.46 35.28
N ALA A 276 12.62 5.45 34.61
CA ALA A 276 12.72 5.43 33.14
C ALA A 276 13.94 6.14 32.59
N VAL A 277 14.46 5.64 31.47
CA VAL A 277 15.51 6.32 30.75
C VAL A 277 14.96 7.65 30.26
N ASP A 278 15.66 8.73 30.59
CA ASP A 278 15.28 10.06 30.15
C ASP A 278 15.47 10.19 28.65
N PRO A 279 14.37 10.36 27.91
CA PRO A 279 14.42 10.43 26.46
C PRO A 279 15.22 11.65 25.97
N LEU A 280 15.37 12.64 26.86
CA LEU A 280 16.12 13.86 26.56
C LEU A 280 17.55 13.83 27.08
N ASN A 281 17.91 12.74 27.76
CA ASN A 281 19.26 12.55 28.29
C ASN A 281 19.50 11.09 28.65
N LEU A 282 20.04 10.36 27.67
CA LEU A 282 20.16 8.91 27.72
C LEU A 282 21.14 8.42 28.78
N SER A 283 21.92 9.32 29.38
CA SER A 283 22.82 8.93 30.47
C SER A 283 22.13 8.93 31.83
N SER A 284 20.83 9.26 31.82
CA SER A 284 20.05 9.45 33.03
C SER A 284 18.86 8.50 33.11
N ILE A 285 18.77 7.78 34.22
CA ILE A 285 17.56 7.03 34.58
C ILE A 285 16.89 7.73 35.76
N CYS A 286 15.63 8.15 35.61
CA CYS A 286 14.95 8.92 36.66
C CYS A 286 13.63 8.30 37.14
N PRO A 287 13.21 8.65 38.37
CA PRO A 287 11.80 8.47 38.71
C PRO A 287 10.90 9.13 37.66
N ALA A 288 9.79 8.47 37.34
CA ALA A 288 8.86 8.98 36.36
C ALA A 288 7.43 8.79 36.86
N THR A 289 6.46 9.37 36.16
CA THR A 289 5.06 9.19 36.52
C THR A 289 4.19 8.89 35.29
N VAL A 290 3.30 7.91 35.41
CA VAL A 290 2.31 7.62 34.37
C VAL A 290 1.26 8.71 34.37
N MET A 291 1.20 9.47 33.28
CA MET A 291 0.39 10.68 33.24
C MET A 291 -0.90 10.52 32.45
N ALA A 292 -0.87 9.66 31.44
CA ALA A 292 -2.06 9.31 30.68
C ALA A 292 -1.83 7.92 30.08
N VAL A 293 -2.79 7.02 30.31
CA VAL A 293 -2.74 5.71 29.69
C VAL A 293 -3.47 5.75 28.35
N LEU A 294 -2.74 5.48 27.26
CA LEU A 294 -3.33 5.51 25.93
C LEU A 294 -3.80 4.11 25.59
N LYS A 295 -4.18 3.88 24.35
CA LYS A 295 -4.65 2.56 23.93
C LYS A 295 -3.46 1.69 23.58
N PHE A 296 -3.68 0.38 23.53
CA PHE A 296 -2.70 -0.57 23.01
C PHE A 296 -1.36 -0.61 23.77
N GLY A 297 -1.40 -0.23 25.04
CA GLY A 297 -0.25 -0.36 25.92
C GLY A 297 0.63 0.87 25.97
N TYR A 298 0.37 1.83 25.10
CA TYR A 298 1.14 3.07 25.10
C TYR A 298 0.71 3.95 26.24
N MET A 299 1.65 4.70 26.80
CA MET A 299 1.34 5.60 27.89
C MET A 299 2.23 6.83 27.85
N MET A 300 1.71 7.93 28.36
CA MET A 300 2.49 9.14 28.50
C MET A 300 3.16 9.15 29.89
N ILE A 301 4.48 9.30 29.87
CA ILE A 301 5.31 9.29 31.05
C ILE A 301 5.84 10.70 31.29
N ARG A 302 5.96 11.10 32.54
CA ARG A 302 6.62 12.35 32.84
C ARG A 302 7.87 12.06 33.65
N ILE A 303 9.01 12.52 33.15
CA ILE A 303 10.26 12.38 33.89
C ILE A 303 10.28 13.42 35.02
N ASP A 304 10.38 12.93 36.25
CA ASP A 304 10.19 13.79 37.42
C ASP A 304 11.38 14.68 37.75
N SER A 305 12.48 14.50 37.04
CA SER A 305 13.67 15.30 37.28
C SER A 305 13.56 16.69 36.63
N TYR A 306 12.60 16.86 35.69
CA TYR A 306 12.39 18.15 35.03
C TYR A 306 11.83 19.18 36.00
N GLN A 307 12.00 20.46 35.67
CA GLN A 307 11.34 21.55 36.37
C GLN A 307 9.83 21.37 36.21
N PRO A 308 9.03 21.69 37.25
CA PRO A 308 7.59 21.47 37.14
C PRO A 308 7.04 22.44 36.11
N ASP A 309 6.81 21.94 34.90
CA ASP A 309 6.60 22.81 33.76
C ASP A 309 5.99 22.03 32.59
N ALA A 310 6.39 20.77 32.47
CA ALA A 310 6.03 19.89 31.34
C ALA A 310 4.52 19.72 31.05
N SER A 311 3.67 20.41 31.84
CA SER A 311 2.18 20.42 31.71
C SER A 311 1.63 20.06 30.31
N GLY A 312 1.57 18.76 30.03
CA GLY A 312 1.22 18.25 28.70
C GLY A 312 2.45 18.14 27.79
N SER A 313 3.19 19.26 27.70
CA SER A 313 4.25 19.51 26.72
C SER A 313 5.45 18.56 26.66
N ASP A 314 6.09 18.28 27.80
CA ASP A 314 7.29 17.42 27.82
C ASP A 314 7.05 15.98 28.26
N TRP A 315 5.77 15.56 28.30
CA TRP A 315 5.45 14.15 28.55
C TRP A 315 5.97 13.29 27.39
N PHE A 316 6.34 12.05 27.68
CA PHE A 316 6.90 11.18 26.65
C PHE A 316 6.16 9.84 26.60
N CYS A 317 6.00 9.32 25.39
CA CYS A 317 5.31 8.05 25.18
C CYS A 317 6.25 6.85 25.20
N TYR A 318 6.05 5.98 26.17
CA TYR A 318 6.72 4.68 26.20
C TYR A 318 5.63 3.63 26.15
N HIS A 319 5.81 2.60 25.34
CA HIS A 319 4.94 1.42 25.40
C HIS A 319 5.20 0.62 26.69
N GLU A 320 4.16 0.06 27.28
CA GLU A 320 4.29 -0.65 28.57
C GLU A 320 5.37 -1.75 28.58
N LYS A 321 5.70 -2.22 27.39
CA LYS A 321 6.64 -3.31 27.19
C LYS A 321 8.08 -2.81 26.89
N SER A 322 8.27 -1.50 26.81
CA SER A 322 9.58 -0.91 26.55
C SER A 322 10.65 -1.32 27.57
N PRO A 323 11.85 -1.68 27.07
CA PRO A 323 12.97 -2.06 27.94
C PRO A 323 13.67 -0.84 28.50
N CYS A 324 13.02 0.32 28.45
CA CYS A 324 13.56 1.54 29.04
C CYS A 324 12.80 1.96 30.27
N ILE A 325 11.83 1.16 30.69
CA ILE A 325 11.12 1.47 31.92
C ILE A 325 11.37 0.34 32.92
N PHE A 326 11.49 0.71 34.19
CA PHE A 326 11.92 -0.21 35.24
C PHE A 326 11.12 0.08 36.51
N PRO A 327 10.98 -0.93 37.39
CA PRO A 327 10.33 -0.69 38.68
C PRO A 327 11.12 0.30 39.51
N ALA A 328 10.45 0.97 40.46
CA ALA A 328 11.14 1.78 41.43
C ALA A 328 12.14 0.90 42.17
N GLY A 329 13.32 1.43 42.42
CA GLY A 329 14.37 0.68 43.10
C GLY A 329 15.37 -0.02 42.19
N PHE A 330 15.04 -0.10 40.89
CA PHE A 330 15.88 -0.75 39.88
C PHE A 330 17.33 -0.24 39.90
N CYS A 331 17.50 1.07 39.88
CA CYS A 331 18.84 1.63 39.98
C CYS A 331 19.50 1.20 41.29
N SER A 332 18.77 1.37 42.40
CA SER A 332 19.26 1.03 43.75
C SER A 332 19.86 -0.39 43.81
N VAL A 333 19.03 -1.38 43.50
CA VAL A 333 19.47 -2.78 43.53
C VAL A 333 20.64 -3.05 42.56
N ASN A 334 20.59 -2.49 41.36
CA ASN A 334 21.60 -2.77 40.34
C ASN A 334 22.83 -1.89 40.40
N ASN A 335 22.98 -1.12 41.47
CA ASN A 335 24.13 -0.22 41.64
C ASN A 335 24.30 0.74 40.47
N ILE A 336 23.18 1.17 39.89
CA ILE A 336 23.13 2.28 38.95
C ILE A 336 22.82 3.52 39.79
N SER A 337 23.49 4.64 39.52
CA SER A 337 23.17 5.87 40.24
C SER A 337 22.00 6.59 39.58
N VAL A 338 20.93 6.77 40.33
CA VAL A 338 19.69 7.33 39.81
C VAL A 338 19.75 8.86 39.78
N THR A 339 19.08 9.45 38.80
CA THR A 339 18.88 10.89 38.74
C THR A 339 17.64 11.16 39.57
N PRO A 340 17.80 11.96 40.65
CA PRO A 340 16.72 12.15 41.62
C PRO A 340 15.60 13.01 41.06
N PRO A 341 14.43 13.01 41.71
CA PRO A 341 13.35 13.90 41.28
C PRO A 341 13.73 15.35 41.53
N ASN A 342 13.09 16.25 40.78
CA ASN A 342 13.29 17.70 40.92
C ASN A 342 13.16 18.18 42.36
N GLY A 343 14.17 18.93 42.82
CA GLY A 343 14.19 19.44 44.17
C GLY A 343 14.77 18.47 45.18
N TYR A 344 15.15 17.28 44.73
CA TYR A 344 15.73 16.28 45.60
C TYR A 344 17.24 16.17 45.42
N ASP A 345 17.84 15.29 46.19
CA ASP A 345 19.28 15.25 46.34
C ASP A 345 19.80 13.82 46.23
N SER A 346 20.82 13.62 45.40
CA SER A 346 21.34 12.28 45.14
C SER A 346 21.88 11.56 46.39
N ARG A 347 22.59 12.27 47.26
CA ARG A 347 23.08 11.65 48.51
C ARG A 347 21.94 11.22 49.43
N THR A 348 20.83 11.96 49.36
CA THR A 348 19.70 11.81 50.28
C THR A 348 18.54 10.97 49.74
N PHE A 349 18.33 11.03 48.42
CA PHE A 349 17.11 10.52 47.79
C PHE A 349 16.85 9.06 48.07
N THR A 350 15.60 8.79 48.42
CA THR A 350 15.16 7.47 48.77
C THR A 350 13.75 7.34 48.21
N TRP A 351 13.46 6.22 47.56
CA TRP A 351 12.12 5.98 47.03
C TRP A 351 11.08 6.03 48.14
N GLU A 352 11.42 5.45 49.28
CA GLU A 352 10.45 5.35 50.35
C GLU A 352 10.15 6.70 50.95
N GLY A 353 11.13 7.59 50.90
CA GLY A 353 10.94 8.98 51.32
C GLY A 353 10.14 9.76 50.30
N TYR A 354 10.44 9.52 49.03
CA TYR A 354 9.77 10.17 47.90
C TYR A 354 8.30 9.80 47.81
N LEU A 355 7.99 8.53 48.00
CA LEU A 355 6.60 8.07 47.97
C LEU A 355 5.81 8.63 49.15
N SER A 356 6.42 8.70 50.33
CA SER A 356 5.69 9.22 51.50
C SER A 356 5.46 10.72 51.37
N ASP A 357 6.38 11.40 50.69
CA ASP A 357 6.24 12.82 50.42
C ASP A 357 5.10 13.05 49.45
N THR A 358 5.09 12.33 48.34
CA THR A 358 4.14 12.57 47.26
C THR A 358 2.79 11.87 47.45
N GLY A 359 2.71 11.01 48.47
CA GLY A 359 1.51 10.21 48.71
C GLY A 359 1.17 9.31 47.54
N ALA A 360 2.14 9.11 46.66
CA ALA A 360 1.95 8.36 45.42
C ALA A 360 2.22 6.89 45.61
N VAL A 361 1.88 6.10 44.59
CA VAL A 361 2.09 4.66 44.62
C VAL A 361 3.05 4.23 43.49
N ALA A 362 3.84 3.20 43.75
CA ALA A 362 4.80 2.72 42.77
C ALA A 362 4.29 1.45 42.11
N ALA A 363 4.44 1.40 40.78
CA ALA A 363 4.04 0.23 40.00
C ALA A 363 4.81 -1.01 40.45
N GLY A 364 4.10 -2.11 40.62
CA GLY A 364 4.74 -3.36 41.05
C GLY A 364 5.57 -3.99 39.97
N GLN A 365 6.62 -4.71 40.38
CA GLN A 365 7.51 -5.50 39.50
C GLN A 365 6.76 -6.29 38.44
N HIS A 366 5.60 -6.84 38.82
CA HIS A 366 4.81 -7.67 37.92
C HIS A 366 4.26 -6.95 36.67
N LEU A 367 4.23 -5.62 36.71
CA LEU A 367 3.71 -4.83 35.59
C LEU A 367 4.72 -4.68 34.45
N PHE A 368 5.99 -4.98 34.73
CA PHE A 368 7.07 -4.74 33.79
C PHE A 368 7.46 -5.98 32.99
N HIS A 369 7.96 -5.75 31.78
CA HIS A 369 8.43 -6.84 30.94
C HIS A 369 9.84 -7.28 31.36
N ASP A 370 9.96 -8.54 31.77
CA ASP A 370 11.21 -9.04 32.36
C ASP A 370 11.73 -10.28 31.64
N ILE A 371 12.15 -10.11 30.40
CA ILE A 371 12.81 -11.18 29.64
C ILE A 371 14.23 -10.72 29.39
N ILE A 372 15.20 -11.56 29.72
CA ILE A 372 16.60 -11.22 29.48
C ILE A 372 17.07 -12.00 28.27
N PRO A 373 17.09 -11.38 27.09
CA PRO A 373 17.60 -12.04 25.91
C PRO A 373 19.06 -12.43 26.06
N ASP A 374 19.47 -13.44 25.30
CA ASP A 374 20.82 -13.94 25.32
C ASP A 374 21.68 -13.10 24.38
N HIS A 375 21.90 -11.84 24.76
CA HIS A 375 22.45 -10.84 23.85
C HIS A 375 23.93 -10.99 23.51
N GLY A 376 24.71 -11.54 24.45
CA GLY A 376 26.12 -11.81 24.22
C GLY A 376 27.07 -10.65 24.46
N PHE A 377 26.53 -9.46 24.73
CA PHE A 377 27.34 -8.30 25.03
C PHE A 377 28.00 -8.49 26.39
N GLU A 378 29.23 -8.02 26.52
CA GLU A 378 29.91 -7.98 27.82
C GLU A 378 30.88 -6.80 27.93
N VAL A 379 31.15 -6.41 29.17
CA VAL A 379 31.92 -5.21 29.47
C VAL A 379 33.25 -5.21 28.71
N GLY A 380 33.57 -4.08 28.09
CA GLY A 380 34.84 -3.96 27.37
C GLY A 380 34.73 -4.14 25.87
N MET A 381 33.58 -4.62 25.40
CA MET A 381 33.38 -4.87 23.97
C MET A 381 33.24 -3.60 23.15
N SER A 382 33.98 -3.55 22.05
CA SER A 382 33.93 -2.42 21.13
C SER A 382 32.76 -2.56 20.15
N LEU A 383 32.13 -1.43 19.84
CA LEU A 383 31.02 -1.39 18.90
C LEU A 383 30.86 0.03 18.38
N GLU A 384 29.98 0.21 17.40
CA GLU A 384 29.70 1.53 16.83
C GLU A 384 28.33 1.96 17.29
N CYS A 385 28.19 3.23 17.69
CA CYS A 385 26.95 3.66 18.35
C CYS A 385 26.47 5.03 17.89
N ALA A 386 25.22 5.09 17.50
CA ALA A 386 24.59 6.35 17.14
C ALA A 386 24.56 7.29 18.35
N ASP A 387 24.78 8.57 18.11
CA ASP A 387 24.74 9.56 19.16
C ASP A 387 23.33 10.13 19.18
N LEU A 388 22.51 9.68 20.12
CA LEU A 388 21.09 10.07 20.13
C LEU A 388 20.84 11.55 20.33
N MET A 389 21.86 12.25 20.79
CA MET A 389 21.79 13.68 21.01
C MET A 389 21.99 14.36 19.66
N ASP A 390 22.62 13.64 18.73
CA ASP A 390 22.94 14.12 17.38
C ASP A 390 23.03 12.91 16.43
N PRO A 391 21.88 12.41 15.97
CA PRO A 391 21.85 11.08 15.39
C PRO A 391 22.38 10.99 13.98
N ARG A 392 23.04 12.04 13.50
CA ARG A 392 23.73 11.91 12.23
C ARG A 392 25.13 11.35 12.44
N LEU A 393 25.58 11.38 13.69
CA LEU A 393 26.85 10.81 14.15
C LEU A 393 26.71 9.35 14.57
N VAL A 394 27.55 8.47 14.02
CA VAL A 394 27.75 7.12 14.55
C VAL A 394 29.21 7.02 15.01
N CYS A 395 29.43 6.55 16.25
CA CYS A 395 30.71 6.77 16.91
C CYS A 395 31.36 5.52 17.52
N VAL A 396 32.68 5.57 17.67
CA VAL A 396 33.40 4.52 18.38
C VAL A 396 32.86 4.49 19.80
N ALA A 397 32.47 3.30 20.27
CA ALA A 397 31.89 3.14 21.59
C ALA A 397 32.24 1.80 22.23
N THR A 398 32.15 1.75 23.56
CA THR A 398 32.45 0.55 24.35
C THR A 398 31.27 0.24 25.27
N VAL A 399 31.02 -1.06 25.48
CA VAL A 399 30.07 -1.50 26.50
C VAL A 399 30.67 -1.28 27.89
N ALA A 400 30.22 -0.22 28.57
CA ALA A 400 30.75 0.15 29.88
C ALA A 400 30.14 -0.69 30.98
N ARG A 401 28.88 -1.09 30.79
CA ARG A 401 28.10 -1.85 31.77
C ARG A 401 27.07 -2.71 31.07
N VAL A 402 26.85 -3.91 31.61
CA VAL A 402 25.74 -4.72 31.18
C VAL A 402 24.97 -5.16 32.41
N VAL A 403 23.79 -4.54 32.58
CA VAL A 403 22.90 -4.79 33.71
C VAL A 403 21.70 -5.63 33.23
N GLY A 404 21.90 -6.94 33.20
CA GLY A 404 20.90 -7.88 32.70
C GLY A 404 20.66 -7.68 31.22
N ARG A 405 19.63 -6.91 30.91
CA ARG A 405 19.19 -6.66 29.54
C ARG A 405 19.73 -5.33 29.05
N LEU A 406 20.15 -4.51 30.00
CA LEU A 406 20.42 -3.10 29.78
C LEU A 406 21.91 -2.87 29.63
N LEU A 407 22.28 -1.97 28.72
CA LEU A 407 23.69 -1.62 28.52
C LEU A 407 23.96 -0.15 28.80
N LYS A 408 25.09 0.13 29.43
CA LYS A 408 25.62 1.47 29.45
C LYS A 408 26.72 1.46 28.42
N VAL A 409 26.56 2.26 27.37
CA VAL A 409 27.59 2.39 26.35
C VAL A 409 28.27 3.73 26.48
N HIS A 410 29.60 3.70 26.41
CA HIS A 410 30.43 4.88 26.59
C HIS A 410 31.14 5.20 25.27
N PHE A 411 31.18 6.47 24.88
CA PHE A 411 31.88 6.89 23.65
C PHE A 411 33.36 7.12 23.92
N ASP A 412 34.20 6.23 23.41
CA ASP A 412 35.66 6.27 23.63
C ASP A 412 36.26 7.67 23.51
N GLY A 413 36.84 8.16 24.59
CA GLY A 413 37.53 9.45 24.58
C GLY A 413 36.65 10.66 24.78
N TRP A 414 35.37 10.42 25.10
CA TRP A 414 34.47 11.47 25.55
C TRP A 414 34.27 11.33 27.05
N THR A 415 33.66 12.33 27.69
CA THR A 415 33.33 12.22 29.13
C THR A 415 32.18 11.23 29.39
N ASP A 416 31.85 11.00 30.66
CA ASP A 416 30.78 10.08 30.99
C ASP A 416 29.40 10.70 30.76
N GLU A 417 29.32 12.01 30.67
CA GLU A 417 28.02 12.67 30.50
C GLU A 417 27.40 12.42 29.11
N TYR A 418 28.21 11.94 28.17
CA TYR A 418 27.76 11.54 26.84
C TYR A 418 27.31 10.07 26.78
N ASP A 419 27.45 9.35 27.90
CA ASP A 419 27.09 7.93 27.95
C ASP A 419 25.63 7.72 27.64
N GLN A 420 25.32 6.54 27.13
CA GLN A 420 23.94 6.23 26.83
C GLN A 420 23.51 4.89 27.42
N TRP A 421 22.41 4.92 28.17
CA TRP A 421 21.71 3.70 28.54
C TRP A 421 20.89 3.31 27.33
N LEU A 422 21.24 2.16 26.76
CA LEU A 422 20.54 1.60 25.61
C LEU A 422 20.20 0.14 25.89
N ASP A 423 19.09 -0.32 25.33
CA ASP A 423 18.75 -1.73 25.41
C ASP A 423 19.69 -2.57 24.56
N CYS A 424 19.94 -3.81 24.99
CA CYS A 424 20.82 -4.70 24.25
C CYS A 424 20.34 -4.93 22.81
N GLU A 425 19.05 -4.75 22.57
CA GLU A 425 18.51 -4.90 21.22
C GLU A 425 18.20 -3.56 20.55
N SER A 426 18.79 -2.48 21.06
CA SER A 426 18.66 -1.16 20.46
C SER A 426 19.13 -1.21 19.02
N ALA A 427 18.41 -0.50 18.15
CA ALA A 427 18.80 -0.38 16.75
C ALA A 427 19.77 0.80 16.51
N ASP A 428 20.25 1.39 17.61
CA ASP A 428 21.24 2.47 17.52
C ASP A 428 22.69 2.01 17.72
N ILE A 429 22.87 0.70 17.93
CA ILE A 429 24.21 0.13 18.13
C ILE A 429 24.55 -0.87 17.03
N TYR A 430 25.82 -0.90 16.62
CA TYR A 430 26.25 -1.60 15.41
C TYR A 430 27.62 -2.24 15.57
N PRO A 431 27.87 -3.35 14.84
CA PRO A 431 29.16 -4.06 14.91
C PRO A 431 30.29 -3.19 14.38
N VAL A 432 31.50 -3.35 14.88
CA VAL A 432 32.62 -2.59 14.31
C VAL A 432 32.77 -2.96 12.84
N GLY A 433 32.81 -1.95 11.99
CA GLY A 433 32.90 -2.19 10.55
C GLY A 433 31.59 -1.85 9.87
N TRP A 434 30.55 -1.58 10.66
CA TRP A 434 29.25 -1.25 10.09
C TRP A 434 29.33 -0.03 9.17
N CYS A 435 29.87 1.05 9.72
CA CYS A 435 30.00 2.30 8.99
C CYS A 435 30.60 2.13 7.60
N VAL A 436 31.77 1.49 7.50
CA VAL A 436 32.37 1.27 6.18
C VAL A 436 31.48 0.41 5.27
N LEU A 437 30.78 -0.58 5.83
CA LEU A 437 29.89 -1.42 5.05
C LEU A 437 28.80 -0.57 4.43
N VAL A 438 28.03 0.07 5.31
CA VAL A 438 26.86 0.84 4.98
C VAL A 438 27.20 2.14 4.27
N ASN A 439 28.46 2.56 4.38
CA ASN A 439 28.97 3.80 3.76
C ASN A 439 28.53 5.07 4.53
N HIS A 440 28.83 5.08 5.82
CA HIS A 440 28.44 6.14 6.74
C HIS A 440 29.72 6.63 7.43
N LYS A 441 29.83 7.94 7.64
CA LYS A 441 31.00 8.50 8.33
C LYS A 441 31.07 7.92 9.74
N LEU A 442 32.27 7.51 10.16
CA LEU A 442 32.48 7.00 11.53
C LEU A 442 33.33 7.95 12.37
N GLU A 443 32.78 8.38 13.51
CA GLU A 443 33.52 9.26 14.42
C GLU A 443 34.41 8.44 15.34
N GLY A 444 35.69 8.82 15.42
CA GLY A 444 36.62 8.19 16.36
C GLY A 444 36.72 9.04 17.61
N PRO A 445 37.55 8.64 18.58
CA PRO A 445 37.74 9.48 19.75
C PRO A 445 38.17 10.89 19.35
N PRO A 446 37.70 11.94 20.06
CA PRO A 446 38.07 13.31 19.69
C PRO A 446 39.49 13.66 20.09
N ARG A 447 40.16 14.45 19.25
CA ARG A 447 41.48 15.00 19.57
C ARG A 447 41.59 16.43 19.03
N HIS B 1 24.29 22.90 18.87
CA HIS B 1 25.56 22.10 18.83
C HIS B 1 26.20 21.92 20.20
N ARG B 2 26.85 20.78 20.39
CA ARG B 2 27.80 20.65 21.46
C ARG B 2 29.01 19.99 20.85
N VAL B 4 31.39 19.56 17.92
CA VAL B 4 31.88 20.31 16.79
C VAL B 4 32.19 19.34 15.64
N LEU B 5 32.15 19.83 14.40
CA LEU B 5 32.42 18.99 13.24
C LEU B 5 33.85 18.46 13.30
N ARG B 6 34.01 17.16 13.04
CA ARG B 6 35.32 16.53 13.10
C ARG B 6 35.67 15.75 11.82
N GLY C 1 -10.25 -13.95 -27.99
CA GLY C 1 -9.31 -14.76 -27.17
C GLY C 1 -9.12 -16.10 -27.84
N ALA C 2 -9.09 -17.17 -27.06
CA ALA C 2 -8.90 -18.52 -27.58
C ALA C 2 -10.09 -19.02 -28.40
N MET C 3 -11.24 -18.39 -28.24
CA MET C 3 -12.50 -18.87 -28.81
C MET C 3 -13.08 -17.98 -29.88
N GLY C 4 -12.44 -16.84 -30.14
CA GLY C 4 -12.97 -15.87 -31.07
C GLY C 4 -13.92 -14.88 -30.42
N SER C 5 -14.50 -14.03 -31.24
CA SER C 5 -15.33 -12.92 -30.78
C SER C 5 -16.27 -12.46 -31.90
N TYR C 6 -17.28 -11.67 -31.55
CA TYR C 6 -18.08 -10.96 -32.55
C TYR C 6 -17.39 -9.67 -33.01
N ASP C 7 -17.50 -9.38 -34.31
CA ASP C 7 -16.92 -8.19 -34.92
C ASP C 7 -18.07 -7.26 -35.36
N TRP C 8 -18.00 -5.99 -34.97
CA TRP C 8 -19.06 -5.04 -35.31
C TRP C 8 -19.10 -4.73 -36.80
N LEU C 9 -17.95 -4.89 -37.45
CA LEU C 9 -17.72 -4.46 -38.84
C LEU C 9 -18.88 -4.60 -39.84
N PRO C 10 -19.51 -5.79 -39.95
CA PRO C 10 -20.61 -5.82 -40.92
C PRO C 10 -21.68 -4.75 -40.63
N ARG C 11 -21.86 -4.42 -39.36
CA ARG C 11 -22.86 -3.44 -38.96
C ARG C 11 -22.35 -2.01 -39.08
N LEU C 12 -21.07 -1.81 -38.80
CA LEU C 12 -20.43 -0.49 -38.82
C LEU C 12 -20.68 0.30 -40.09
N SER C 13 -20.73 -0.41 -41.21
CA SER C 13 -20.73 0.18 -42.55
C SER C 13 -22.11 0.35 -43.15
N LYS C 14 -23.09 0.71 -42.32
CA LYS C 14 -24.42 1.06 -42.81
C LYS C 14 -24.95 2.34 -42.17
N GLU C 15 -25.52 3.20 -42.99
CA GLU C 15 -25.98 4.51 -42.54
C GLU C 15 -27.34 4.42 -41.85
N ASN C 16 -27.33 3.76 -40.70
CA ASN C 16 -28.50 3.56 -39.86
C ASN C 16 -27.96 3.01 -38.54
N PHE C 17 -26.67 2.66 -38.56
CA PHE C 17 -25.95 2.22 -37.37
C PHE C 17 -25.50 3.44 -36.60
N ASN C 18 -26.15 3.68 -35.47
CA ASN C 18 -25.82 4.78 -34.60
C ASN C 18 -25.21 4.23 -33.31
N ALA C 19 -24.02 4.69 -32.96
CA ALA C 19 -23.30 4.19 -31.80
C ALA C 19 -23.24 5.27 -30.74
N ALA C 20 -23.33 4.88 -29.46
CA ALA C 20 -23.11 5.82 -28.39
C ALA C 20 -21.65 6.27 -28.44
N PRO C 21 -21.40 7.60 -28.44
CA PRO C 21 -20.02 8.05 -28.37
C PRO C 21 -19.33 7.61 -27.09
N VAL C 22 -18.02 7.44 -27.15
CA VAL C 22 -17.21 7.09 -25.96
C VAL C 22 -17.50 8.09 -24.83
N THR C 23 -17.74 9.33 -25.21
CA THR C 23 -18.10 10.41 -24.31
C THR C 23 -19.23 10.08 -23.31
N CYS C 24 -20.10 9.13 -23.67
CA CYS C 24 -21.26 8.80 -22.86
C CYS C 24 -20.92 7.96 -21.62
N PHE C 25 -19.74 7.35 -21.65
CA PHE C 25 -19.37 6.36 -20.64
C PHE C 25 -18.23 6.85 -19.72
N PRO C 26 -18.58 7.46 -18.57
CA PRO C 26 -17.53 8.07 -17.75
C PRO C 26 -16.43 7.10 -17.27
N HIS C 27 -16.72 5.81 -17.26
CA HIS C 27 -15.77 4.80 -16.83
C HIS C 27 -14.96 4.22 -17.99
N ALA C 28 -15.44 4.42 -19.23
CA ALA C 28 -14.76 3.93 -20.43
C ALA C 28 -13.36 4.50 -20.56
N PRO C 29 -12.41 3.67 -21.01
CA PRO C 29 -11.04 4.18 -21.15
C PRO C 29 -11.01 5.22 -22.24
N GLY C 30 -10.28 6.29 -21.99
CA GLY C 30 -10.15 7.37 -22.95
C GLY C 30 -11.38 8.23 -23.07
N CYS C 31 -12.29 8.11 -22.10
CA CYS C 31 -13.52 8.89 -22.08
C CYS C 31 -13.29 10.39 -22.15
N GLU C 32 -12.41 10.91 -21.31
CA GLU C 32 -12.10 12.35 -21.29
C GLU C 32 -11.46 12.83 -22.58
N VAL C 33 -10.34 12.20 -22.95
CA VAL C 33 -9.56 12.62 -24.12
C VAL C 33 -10.37 12.49 -25.40
N TRP C 34 -11.39 11.64 -25.37
CA TRP C 34 -12.16 11.32 -26.56
C TRP C 34 -12.90 12.50 -27.19
N ASP C 35 -13.50 13.36 -26.39
CA ASP C 35 -14.27 14.46 -27.00
C ASP C 35 -13.38 15.53 -27.66
N ASN C 36 -12.06 15.39 -27.51
CA ASN C 36 -11.10 16.22 -28.25
C ASN C 36 -10.89 15.71 -29.68
N LEU C 37 -11.34 14.49 -29.97
CA LEU C 37 -11.28 13.94 -31.34
C LEU C 37 -12.34 14.57 -32.21
N GLY C 38 -12.01 14.66 -33.50
CA GLY C 38 -12.85 15.32 -34.48
C GLY C 38 -12.96 14.55 -35.78
N VAL C 39 -14.14 14.62 -36.38
CA VAL C 39 -14.47 13.87 -37.56
C VAL C 39 -13.86 14.51 -38.82
N GLY C 40 -12.57 14.81 -38.78
CA GLY C 40 -11.84 15.37 -39.94
C GLY C 40 -10.33 15.28 -39.83
N MET C 41 -9.86 14.76 -38.68
CA MET C 41 -8.44 14.71 -38.35
C MET C 41 -7.65 13.84 -39.30
N LYS C 42 -6.43 14.25 -39.56
CA LYS C 42 -5.51 13.45 -40.34
C LYS C 42 -4.56 12.69 -39.43
N VAL C 43 -4.08 11.54 -39.90
CA VAL C 43 -3.42 10.55 -39.06
C VAL C 43 -2.48 9.65 -39.86
N GLU C 44 -1.39 9.19 -39.24
CA GLU C 44 -0.44 8.28 -39.88
C GLU C 44 -0.78 6.82 -39.50
N VAL C 45 -0.96 5.97 -40.51
CA VAL C 45 -1.44 4.59 -40.32
C VAL C 45 -0.56 3.57 -41.03
N GLU C 46 -0.97 2.30 -40.96
CA GLU C 46 -0.39 1.12 -41.67
C GLU C 46 0.51 0.28 -40.79
N THR C 63 6.00 -2.27 -42.06
CA THR C 63 7.16 -1.44 -41.71
C THR C 63 7.13 -0.08 -42.44
N SER C 64 6.03 0.22 -43.15
CA SER C 64 5.86 1.54 -43.78
C SER C 64 4.47 2.15 -43.58
N PHE C 65 4.39 3.47 -43.69
CA PHE C 65 3.20 4.21 -43.27
C PHE C 65 2.62 5.15 -44.34
N TRP C 66 1.42 5.68 -44.09
CA TRP C 66 0.80 6.69 -44.94
C TRP C 66 -0.16 7.56 -44.11
N VAL C 67 -0.53 8.74 -44.61
CA VAL C 67 -1.53 9.51 -43.88
C VAL C 67 -2.95 9.22 -44.36
N ALA C 68 -3.89 9.27 -43.41
CA ALA C 68 -5.30 9.05 -43.68
C ALA C 68 -6.15 10.03 -42.87
N THR C 69 -7.40 10.22 -43.31
CA THR C 69 -8.36 11.10 -42.66
C THR C 69 -9.44 10.27 -41.97
N ILE C 70 -9.83 10.70 -40.77
CA ILE C 70 -10.95 10.08 -40.04
C ILE C 70 -12.24 10.68 -40.58
N LEU C 71 -12.99 9.87 -41.32
CA LEU C 71 -14.24 10.33 -41.91
C LEU C 71 -15.42 10.19 -40.97
N GLU C 72 -15.30 9.29 -39.98
CA GLU C 72 -16.44 8.90 -39.14
C GLU C 72 -15.97 8.21 -37.85
N ILE C 73 -16.55 8.61 -36.73
CA ILE C 73 -16.25 8.00 -35.45
C ILE C 73 -17.51 7.37 -34.90
N LYS C 74 -17.51 6.05 -34.78
CA LYS C 74 -18.61 5.33 -34.14
C LYS C 74 -18.05 4.50 -32.99
N GLY C 75 -18.31 4.96 -31.76
CA GLY C 75 -17.72 4.34 -30.58
C GLY C 75 -16.22 4.51 -30.62
N TYR C 76 -15.48 3.40 -30.52
CA TYR C 76 -14.03 3.45 -30.63
C TYR C 76 -13.58 3.27 -32.06
N LYS C 77 -14.52 2.95 -32.96
CA LYS C 77 -14.18 2.66 -34.36
C LYS C 77 -14.10 3.94 -35.17
N ALA C 78 -13.13 4.01 -36.06
CA ALA C 78 -12.94 5.17 -36.92
C ALA C 78 -12.83 4.73 -38.37
N LEU C 79 -13.54 5.46 -39.24
CA LEU C 79 -13.47 5.20 -40.68
C LEU C 79 -12.31 5.95 -41.29
N MET C 80 -11.32 5.20 -41.75
CA MET C 80 -10.10 5.78 -42.29
C MET C 80 -10.16 5.91 -43.81
N SER C 81 -9.61 7.01 -44.32
CA SER C 81 -9.47 7.20 -45.76
C SER C 81 -8.08 7.71 -46.07
N TYR C 82 -7.33 6.95 -46.87
CA TYR C 82 -5.98 7.34 -47.26
C TYR C 82 -5.98 8.57 -48.14
N GLU C 83 -4.89 9.34 -48.08
CA GLU C 83 -4.74 10.51 -48.94
C GLU C 83 -4.49 10.13 -50.38
N GLY C 84 -5.13 10.83 -51.30
CA GLY C 84 -4.88 10.65 -52.72
C GLY C 84 -5.68 9.53 -53.34
N PHE C 85 -6.76 9.14 -52.67
CA PHE C 85 -7.72 8.20 -53.21
C PHE C 85 -8.97 8.95 -53.67
N ASP C 86 -9.33 8.77 -54.93
CA ASP C 86 -10.50 9.43 -55.53
C ASP C 86 -11.82 8.97 -54.91
N THR C 87 -11.90 7.70 -54.53
CA THR C 87 -13.14 7.08 -54.08
C THR C 87 -13.01 6.45 -52.69
N ASP C 88 -14.16 6.09 -52.12
CA ASP C 88 -14.22 5.43 -50.83
C ASP C 88 -13.87 3.94 -50.93
N SER C 89 -13.52 3.50 -52.15
CA SER C 89 -13.16 2.12 -52.41
C SER C 89 -12.21 1.47 -51.39
N HIS C 90 -11.19 2.21 -50.95
CA HIS C 90 -10.19 1.66 -50.04
C HIS C 90 -10.29 2.15 -48.60
N ASP C 91 -11.41 2.78 -48.26
CA ASP C 91 -11.69 3.20 -46.90
C ASP C 91 -11.75 1.97 -45.99
N PHE C 92 -11.22 2.11 -44.78
CA PHE C 92 -11.12 0.98 -43.87
C PHE C 92 -11.38 1.44 -42.43
N TRP C 93 -12.02 0.57 -41.64
CA TRP C 93 -12.29 0.86 -40.24
C TRP C 93 -11.12 0.40 -39.36
N VAL C 94 -10.84 1.18 -38.32
CA VAL C 94 -9.84 0.80 -37.33
C VAL C 94 -10.40 0.99 -35.93
N ASN C 95 -9.82 0.27 -34.97
CA ASN C 95 -10.06 0.55 -33.56
C ASN C 95 -9.13 1.65 -33.12
N LEU C 96 -9.58 2.90 -33.27
CA LEU C 96 -8.74 4.09 -33.10
C LEU C 96 -7.82 4.05 -31.89
N CYS C 97 -8.32 3.54 -30.77
CA CYS C 97 -7.58 3.58 -29.52
C CYS C 97 -6.61 2.40 -29.34
N ASN C 98 -6.46 1.58 -30.37
CA ASN C 98 -5.49 0.46 -30.33
C ASN C 98 -5.03 -0.08 -31.69
N ALA C 99 -5.37 0.63 -32.77
CA ALA C 99 -4.81 0.28 -34.08
C ALA C 99 -3.41 0.85 -34.17
N GLU C 100 -2.70 0.51 -35.25
CA GLU C 100 -1.36 1.03 -35.49
C GLU C 100 -1.46 2.44 -36.06
N VAL C 101 -2.04 3.33 -35.25
CA VAL C 101 -2.38 4.69 -35.64
C VAL C 101 -1.57 5.67 -34.81
N HIS C 102 -1.02 6.70 -35.44
CA HIS C 102 -0.23 7.72 -34.75
C HIS C 102 -0.62 9.11 -35.24
N SER C 103 -0.27 10.13 -34.47
CA SER C 103 -0.48 11.50 -34.89
C SER C 103 0.55 11.95 -35.90
N VAL C 104 0.10 12.75 -36.87
CA VAL C 104 0.93 13.29 -37.93
C VAL C 104 2.20 13.87 -37.34
N GLY C 105 3.34 13.42 -37.85
CA GLY C 105 4.62 13.85 -37.31
C GLY C 105 5.35 12.71 -36.63
N TRP C 106 4.64 11.61 -36.40
CA TRP C 106 5.21 10.44 -35.76
C TRP C 106 6.34 9.84 -36.61
N CYS C 107 6.06 9.63 -37.90
CA CYS C 107 7.05 9.05 -38.80
C CYS C 107 8.33 9.86 -38.88
N ALA C 108 8.19 11.17 -39.05
CA ALA C 108 9.32 12.09 -39.20
C ALA C 108 10.22 12.05 -37.98
N THR C 109 9.62 11.91 -36.79
CA THR C 109 10.38 11.90 -35.54
C THR C 109 11.11 10.57 -35.28
N ARG C 110 10.61 9.50 -35.89
CA ARG C 110 11.21 8.18 -35.72
C ARG C 110 12.01 7.68 -36.92
N GLY C 111 11.89 8.35 -38.06
CA GLY C 111 12.59 7.95 -39.28
C GLY C 111 11.90 6.82 -40.03
N LYS C 112 10.58 6.76 -39.90
CA LYS C 112 9.77 5.71 -40.53
C LYS C 112 9.28 6.15 -41.92
N PRO C 113 9.24 5.21 -42.87
CA PRO C 113 8.93 5.59 -44.25
C PRO C 113 7.46 5.88 -44.48
N LEU C 114 7.18 6.97 -45.19
CA LEU C 114 5.85 7.21 -45.75
C LEU C 114 5.80 6.81 -47.23
N ILE C 115 5.21 5.65 -47.50
CA ILE C 115 5.12 5.11 -48.87
C ILE C 115 3.67 5.02 -49.33
N PRO C 116 3.38 5.59 -50.51
CA PRO C 116 2.01 5.56 -51.04
C PRO C 116 1.52 4.12 -51.25
N PRO C 117 0.26 3.83 -50.86
CA PRO C 117 -0.29 2.50 -51.14
C PRO C 117 -0.23 2.19 -52.64
N ARG C 118 -0.03 0.91 -52.97
CA ARG C 118 0.18 0.46 -54.35
C ARG C 118 -0.79 1.04 -55.38
N THR C 119 -2.06 1.19 -55.00
CA THR C 119 -3.12 1.60 -55.93
C THR C 119 -2.90 2.99 -56.51
N ILE C 120 -2.16 3.83 -55.79
CA ILE C 120 -2.03 5.23 -56.16
C ILE C 120 -0.58 5.70 -56.44
N GLU C 121 0.39 4.77 -56.41
CA GLU C 121 1.80 5.06 -56.73
C GLU C 121 1.97 5.96 -57.96
N HIS C 122 1.28 5.60 -59.04
CA HIS C 122 1.42 6.25 -60.34
C HIS C 122 1.20 7.76 -60.31
N LYS C 123 0.43 8.24 -59.34
CA LYS C 123 0.02 9.65 -59.24
C LYS C 123 1.21 10.63 -59.31
N TYR C 124 2.28 10.30 -58.58
CA TYR C 124 3.48 11.15 -58.50
C TYR C 124 4.79 10.36 -58.43
N LYS C 125 5.85 10.94 -58.97
CA LYS C 125 7.21 10.42 -58.79
C LYS C 125 7.65 10.70 -57.36
N ASP C 126 7.35 11.91 -56.89
CA ASP C 126 7.65 12.31 -55.51
C ASP C 126 6.40 12.79 -54.75
N TRP C 127 6.31 12.42 -53.48
CA TRP C 127 5.09 12.64 -52.70
C TRP C 127 5.16 13.68 -51.57
N LYS C 128 6.32 14.32 -51.35
CA LYS C 128 6.42 15.28 -50.27
C LYS C 128 5.45 16.45 -50.44
N ASP C 129 5.41 17.02 -51.65
CA ASP C 129 4.53 18.15 -51.95
C ASP C 129 3.05 17.87 -51.73
N PHE C 130 2.58 16.75 -52.29
CA PHE C 130 1.19 16.37 -52.14
C PHE C 130 0.82 16.29 -50.67
N LEU C 131 1.66 15.62 -49.88
CA LEU C 131 1.39 15.42 -48.46
C LEU C 131 1.46 16.71 -47.68
N VAL C 132 2.52 17.48 -47.89
CA VAL C 132 2.67 18.77 -47.24
C VAL C 132 1.44 19.64 -47.52
N GLY C 133 0.92 19.55 -48.75
CA GLY C 133 -0.27 20.27 -49.15
C GLY C 133 -1.50 19.82 -48.39
N ARG C 134 -1.54 18.53 -48.08
CA ARG C 134 -2.69 17.94 -47.38
C ARG C 134 -2.59 18.10 -45.86
N LEU C 135 -1.37 18.16 -45.34
CA LEU C 135 -1.16 18.17 -43.89
C LEU C 135 -1.12 19.58 -43.30
N SER C 136 -0.94 20.59 -44.14
CA SER C 136 -0.86 21.96 -43.65
C SER C 136 -2.13 22.39 -42.92
N GLY C 137 -1.96 22.96 -41.72
CA GLY C 137 -3.07 23.44 -40.88
C GLY C 137 -4.17 22.43 -40.64
N ALA C 138 -3.81 21.15 -40.58
CA ALA C 138 -4.75 20.06 -40.40
C ALA C 138 -4.63 19.53 -38.99
N ARG C 139 -5.75 19.07 -38.44
CA ARG C 139 -5.77 18.54 -37.08
C ARG C 139 -5.30 17.09 -37.05
N THR C 140 -4.72 16.67 -35.92
CA THR C 140 -4.42 15.26 -35.67
C THR C 140 -4.90 14.88 -34.28
N LEU C 141 -4.47 13.71 -33.82
CA LEU C 141 -4.83 13.20 -32.52
C LEU C 141 -4.39 14.16 -31.40
N PRO C 142 -5.28 14.42 -30.43
CA PRO C 142 -4.96 15.13 -29.20
C PRO C 142 -3.55 14.90 -28.68
N SER C 143 -3.07 15.91 -27.97
CA SER C 143 -1.71 16.03 -27.42
C SER C 143 -1.02 14.70 -27.06
N ASN C 144 -1.50 14.02 -26.01
CA ASN C 144 -0.87 12.78 -25.56
C ASN C 144 -1.86 11.62 -25.68
N PHE C 145 -2.54 11.56 -26.82
CA PHE C 145 -3.70 10.70 -26.99
C PHE C 145 -3.60 9.28 -26.42
N TYR C 146 -2.54 8.55 -26.77
CA TYR C 146 -2.43 7.14 -26.37
C TYR C 146 -1.98 6.91 -24.94
N ASN C 147 -1.21 7.84 -24.39
CA ASN C 147 -0.86 7.81 -22.99
C ASN C 147 -2.07 7.92 -22.09
N LYS C 148 -2.98 8.85 -22.43
CA LYS C 148 -4.21 9.05 -21.68
C LYS C 148 -5.05 7.76 -21.74
N ILE C 149 -5.10 7.14 -22.92
CA ILE C 149 -5.84 5.87 -23.09
C ILE C 149 -5.26 4.80 -22.18
N ASN C 150 -3.94 4.66 -22.18
CA ASN C 150 -3.28 3.62 -21.39
C ASN C 150 -3.39 3.80 -19.88
N ASP C 151 -3.39 5.06 -19.41
CA ASP C 151 -3.56 5.35 -18.00
C ASP C 151 -4.91 4.85 -17.50
N SER C 152 -5.98 5.23 -18.19
CA SER C 152 -7.33 4.81 -17.80
C SER C 152 -7.56 3.30 -17.99
N LEU C 153 -6.64 2.67 -18.73
CA LEU C 153 -6.70 1.26 -19.05
C LEU C 153 -6.29 0.38 -17.87
N GLN C 154 -5.86 1.00 -16.78
CA GLN C 154 -5.38 0.27 -15.61
C GLN C 154 -6.43 0.17 -14.50
N SER C 155 -6.40 -0.93 -13.77
CA SER C 155 -7.30 -1.16 -12.65
C SER C 155 -6.74 -0.57 -11.36
N ARG C 156 -7.63 0.04 -10.57
CA ARG C 156 -7.34 0.46 -9.20
C ARG C 156 -7.00 -0.73 -8.31
N PHE C 157 -7.55 -1.89 -8.65
CA PHE C 157 -7.30 -3.14 -7.95
C PHE C 157 -6.16 -3.92 -8.58
N ARG C 158 -5.58 -4.82 -7.81
CA ARG C 158 -4.55 -5.71 -8.31
C ARG C 158 -4.86 -7.15 -7.85
N LEU C 159 -4.26 -8.14 -8.50
CA LEU C 159 -4.52 -9.54 -8.17
C LEU C 159 -4.16 -9.84 -6.72
N GLY C 160 -5.03 -10.54 -6.01
CA GLY C 160 -4.74 -11.00 -4.66
C GLY C 160 -5.36 -10.20 -3.53
N LEU C 161 -6.05 -9.12 -3.87
CA LEU C 161 -6.73 -8.30 -2.87
C LEU C 161 -7.99 -8.97 -2.35
N ASN C 162 -8.22 -8.87 -1.04
CA ASN C 162 -9.48 -9.29 -0.45
C ASN C 162 -10.41 -8.12 -0.32
N LEU C 163 -11.69 -8.36 -0.58
CA LEU C 163 -12.71 -7.33 -0.37
C LEU C 163 -14.02 -7.98 0.09
N GLU C 164 -15.04 -7.16 0.34
CA GLU C 164 -16.34 -7.68 0.78
C GLU C 164 -17.35 -7.52 -0.33
N CYS C 165 -17.90 -8.65 -0.74
CA CYS C 165 -18.64 -8.76 -1.98
C CYS C 165 -20.02 -9.36 -1.74
N VAL C 166 -21.05 -8.82 -2.40
CA VAL C 166 -22.42 -9.31 -2.21
C VAL C 166 -22.47 -10.81 -2.51
N ASP C 167 -22.89 -11.58 -1.51
CA ASP C 167 -23.06 -13.02 -1.69
C ASP C 167 -24.19 -13.29 -2.69
N LYS C 168 -23.81 -13.87 -3.82
CA LYS C 168 -24.76 -14.22 -4.87
C LYS C 168 -25.77 -15.30 -4.46
N ASP C 169 -25.49 -16.01 -3.37
CA ASP C 169 -26.43 -17.01 -2.83
C ASP C 169 -27.30 -16.44 -1.70
N ARG C 170 -26.90 -15.31 -1.16
CA ARG C 170 -27.61 -14.69 -0.04
C ARG C 170 -27.35 -13.20 -0.19
N ILE C 171 -28.13 -12.54 -1.05
CA ILE C 171 -27.90 -11.13 -1.37
C ILE C 171 -27.99 -10.18 -0.17
N SER C 172 -28.51 -10.65 0.96
CA SER C 172 -28.68 -9.82 2.14
C SER C 172 -27.40 -9.71 2.95
N GLN C 173 -26.33 -10.29 2.42
CA GLN C 173 -25.09 -10.42 3.15
C GLN C 173 -23.91 -10.28 2.20
N VAL C 174 -22.81 -9.70 2.69
CA VAL C 174 -21.57 -9.74 1.92
C VAL C 174 -20.62 -10.83 2.43
N ARG C 175 -19.74 -11.28 1.54
CA ARG C 175 -18.90 -12.43 1.75
C ARG C 175 -17.47 -12.04 1.40
N LEU C 176 -16.50 -12.46 2.21
CA LEU C 176 -15.09 -12.16 1.91
C LEU C 176 -14.72 -12.81 0.60
N ALA C 177 -14.12 -12.04 -0.29
CA ALA C 177 -13.74 -12.52 -1.61
C ALA C 177 -12.31 -12.11 -1.99
N THR C 178 -11.88 -12.50 -3.18
CA THR C 178 -10.53 -12.18 -3.66
C THR C 178 -10.52 -11.84 -5.16
N VAL C 179 -9.83 -10.76 -5.50
CA VAL C 179 -9.59 -10.43 -6.90
C VAL C 179 -8.64 -11.47 -7.49
N THR C 180 -9.15 -12.23 -8.44
CA THR C 180 -8.42 -13.37 -9.00
C THR C 180 -8.07 -13.13 -10.47
N LYS C 181 -8.94 -12.40 -11.17
CA LYS C 181 -8.68 -12.07 -12.56
C LYS C 181 -9.06 -10.62 -12.79
N ILE C 182 -8.35 -9.96 -13.71
CA ILE C 182 -8.72 -8.63 -14.16
C ILE C 182 -8.65 -8.56 -15.68
N VAL C 183 -9.78 -8.33 -16.35
CA VAL C 183 -9.75 -7.94 -17.75
C VAL C 183 -10.48 -6.62 -18.00
N GLY C 184 -9.70 -5.67 -18.54
CA GLY C 184 -10.10 -4.26 -18.66
C GLY C 184 -11.00 -3.71 -17.57
N ASP C 185 -10.46 -3.56 -16.36
CA ASP C 185 -11.21 -2.96 -15.24
C ASP C 185 -12.41 -3.77 -14.73
N ARG C 186 -12.70 -4.90 -15.36
CA ARG C 186 -13.66 -5.84 -14.81
C ARG C 186 -12.89 -6.83 -13.95
N LEU C 187 -13.39 -7.09 -12.74
CA LEU C 187 -12.69 -7.98 -11.81
C LEU C 187 -13.41 -9.31 -11.66
N PHE C 188 -12.66 -10.39 -11.46
CA PHE C 188 -13.31 -11.60 -10.94
C PHE C 188 -13.07 -11.79 -9.44
N LEU C 189 -14.17 -11.93 -8.71
CA LEU C 189 -14.13 -12.07 -7.27
C LEU C 189 -14.50 -13.47 -6.85
N ARG C 190 -13.52 -14.15 -6.27
CA ARG C 190 -13.68 -15.50 -5.79
C ARG C 190 -13.89 -15.41 -4.29
N TYR C 191 -14.99 -15.97 -3.80
CA TYR C 191 -15.30 -16.06 -2.37
C TYR C 191 -14.28 -16.93 -1.59
N PHE C 192 -14.17 -16.69 -0.28
CA PHE C 192 -13.07 -17.25 0.52
C PHE C 192 -13.14 -18.75 0.72
N ASP C 193 -14.36 -19.27 0.84
CA ASP C 193 -14.62 -20.65 1.27
C ASP C 193 -14.94 -21.55 0.07
N SER C 194 -14.66 -21.03 -1.13
CA SER C 194 -15.33 -21.45 -2.34
C SER C 194 -14.45 -21.27 -3.58
N ASP C 195 -14.78 -21.95 -4.67
CA ASP C 195 -14.25 -21.58 -5.99
C ASP C 195 -15.36 -20.99 -6.88
N ASP C 196 -16.29 -20.31 -6.24
CA ASP C 196 -17.40 -19.63 -6.91
C ASP C 196 -17.25 -18.13 -6.69
N GLY C 197 -17.94 -17.34 -7.50
CA GLY C 197 -17.86 -15.89 -7.39
C GLY C 197 -18.44 -15.26 -8.64
N PHE C 198 -18.10 -13.99 -8.90
CA PHE C 198 -18.60 -13.35 -10.11
C PHE C 198 -17.72 -12.24 -10.66
N TRP C 199 -17.94 -11.94 -11.94
CA TRP C 199 -17.39 -10.75 -12.56
C TRP C 199 -18.22 -9.53 -12.23
N CYS C 200 -17.54 -8.42 -11.97
CA CYS C 200 -18.21 -7.11 -11.94
C CYS C 200 -17.16 -6.05 -12.18
N HIS C 201 -17.62 -4.87 -12.60
CA HIS C 201 -16.72 -3.78 -12.87
C HIS C 201 -16.23 -3.20 -11.57
N GLU C 202 -14.96 -2.86 -11.59
CA GLU C 202 -14.31 -1.97 -10.63
C GLU C 202 -15.25 -1.03 -9.87
N ASP C 203 -16.15 -0.37 -10.60
CA ASP C 203 -16.94 0.75 -10.07
C ASP C 203 -18.30 0.35 -9.55
N SER C 204 -18.63 -0.94 -9.56
CA SER C 204 -20.00 -1.36 -9.26
C SER C 204 -20.32 -1.26 -7.78
N PRO C 205 -21.60 -0.93 -7.45
CA PRO C 205 -22.00 -0.67 -6.08
C PRO C 205 -22.05 -1.92 -5.21
N ILE C 206 -21.82 -3.09 -5.78
CA ILE C 206 -21.96 -4.33 -5.00
C ILE C 206 -20.66 -4.97 -4.48
N ILE C 207 -19.54 -4.29 -4.70
CA ILE C 207 -18.26 -4.65 -4.03
C ILE C 207 -17.86 -3.55 -3.06
N HIS C 208 -17.27 -3.96 -1.94
CA HIS C 208 -16.98 -3.05 -0.86
C HIS C 208 -15.63 -3.37 -0.20
N PRO C 209 -15.00 -2.36 0.45
CA PRO C 209 -13.69 -2.54 1.11
C PRO C 209 -13.79 -3.41 2.36
N VAL C 210 -12.68 -3.97 2.81
CA VAL C 210 -12.70 -4.74 4.07
C VAL C 210 -13.02 -3.80 5.23
N GLY C 211 -13.95 -4.22 6.07
CA GLY C 211 -14.41 -3.42 7.20
C GLY C 211 -15.73 -2.74 6.92
N TRP C 212 -16.18 -2.77 5.67
CA TRP C 212 -17.39 -2.06 5.23
C TRP C 212 -18.63 -2.57 5.92
N ALA C 213 -18.76 -3.90 6.00
CA ALA C 213 -19.95 -4.54 6.54
C ALA C 213 -20.16 -4.21 8.02
N THR C 214 -19.08 -4.20 8.80
CA THR C 214 -19.27 -3.92 10.22
C THR C 214 -19.30 -2.42 10.51
N THR C 215 -18.80 -1.62 9.58
CA THR C 215 -18.94 -0.17 9.61
C THR C 215 -20.40 0.24 9.39
N VAL C 216 -20.98 -0.28 8.31
CA VAL C 216 -22.28 0.12 7.83
C VAL C 216 -23.40 -0.50 8.66
N GLY C 217 -23.12 -1.69 9.20
CA GLY C 217 -24.14 -2.53 9.85
C GLY C 217 -24.76 -3.58 8.91
N HIS C 218 -24.05 -3.91 7.83
CA HIS C 218 -24.50 -4.90 6.87
C HIS C 218 -24.06 -6.28 7.34
N ASN C 219 -24.82 -7.31 6.99
CA ASN C 219 -24.45 -8.68 7.32
C ASN C 219 -23.18 -9.14 6.63
N LEU C 220 -22.37 -9.91 7.36
CA LEU C 220 -21.07 -10.37 6.89
C LEU C 220 -20.95 -11.88 7.04
N ALA C 221 -20.33 -12.51 6.04
CA ALA C 221 -19.91 -13.92 6.13
C ALA C 221 -18.42 -13.98 5.83
N ALA C 222 -17.63 -14.44 6.79
CA ALA C 222 -16.17 -14.41 6.66
C ALA C 222 -15.55 -15.35 7.66
N PRO C 223 -14.24 -15.67 7.50
CA PRO C 223 -13.52 -16.54 8.43
C PRO C 223 -13.51 -15.96 9.84
N GLN C 224 -13.28 -16.82 10.83
CA GLN C 224 -13.22 -16.41 12.24
C GLN C 224 -12.21 -15.29 12.52
N ASP C 225 -10.98 -15.46 12.04
CA ASP C 225 -9.91 -14.48 12.25
C ASP C 225 -10.27 -13.11 11.71
N TYR C 226 -10.97 -13.10 10.58
CA TYR C 226 -11.42 -11.87 9.95
C TYR C 226 -12.57 -11.27 10.76
N LEU C 227 -13.52 -12.11 11.18
CA LEU C 227 -14.60 -11.68 12.06
C LEU C 227 -14.06 -11.08 13.36
N GLU C 228 -12.97 -11.65 13.88
CA GLU C 228 -12.33 -11.11 15.08
C GLU C 228 -11.69 -9.76 14.87
N ARG C 229 -10.94 -9.61 13.77
CA ARG C 229 -10.42 -8.32 13.32
C ARG C 229 -11.54 -7.29 13.22
N MET C 230 -12.64 -7.69 12.56
CA MET C 230 -13.72 -6.78 12.28
C MET C 230 -14.49 -6.42 13.53
N LEU C 231 -14.73 -7.41 14.38
CA LEU C 231 -15.62 -7.25 15.52
C LEU C 231 -14.89 -6.81 16.77
N ALA C 232 -13.83 -7.52 17.15
CA ALA C 232 -13.10 -7.20 18.38
C ALA C 232 -12.03 -6.15 18.16
N GLY C 233 -11.45 -6.14 16.97
CA GLY C 233 -10.37 -5.19 16.64
C GLY C 233 -10.84 -3.94 15.94
N ARG C 234 -12.03 -3.48 16.32
CA ARG C 234 -12.67 -2.33 15.70
C ARG C 234 -11.89 -1.02 15.98
N GLU C 235 -11.18 -0.99 17.11
CA GLU C 235 -10.45 0.22 17.54
C GLU C 235 -9.08 0.35 16.87
N ALA C 236 -8.54 -0.76 16.40
CA ALA C 236 -7.24 -0.79 15.73
C ALA C 236 -7.36 -0.35 14.28
N MET C 237 -7.52 0.96 14.09
CA MET C 237 -7.76 1.56 12.77
C MET C 237 -6.67 1.18 11.75
N ILE C 238 -5.41 1.22 12.19
CA ILE C 238 -4.23 1.08 11.32
C ILE C 238 -3.78 -0.34 11.04
N GLU C 239 -4.45 -1.32 11.64
CA GLU C 239 -4.14 -2.72 11.38
C GLU C 239 -4.74 -3.13 10.02
N VAL C 240 -4.10 -2.67 8.95
CA VAL C 240 -4.44 -3.00 7.58
C VAL C 240 -3.50 -4.09 7.05
N HIS C 241 -4.09 -5.15 6.47
CA HIS C 241 -3.40 -6.41 6.28
C HIS C 241 -2.60 -6.61 4.98
N GLU C 242 -2.36 -5.53 4.25
CA GLU C 242 -1.54 -5.59 3.03
C GLU C 242 -2.29 -6.15 1.83
N ASP C 243 -3.14 -7.15 2.07
CA ASP C 243 -4.04 -7.65 1.06
C ASP C 243 -5.47 -7.11 1.22
N ASP C 244 -5.65 -6.10 2.07
CA ASP C 244 -6.97 -5.46 2.21
C ASP C 244 -7.22 -4.50 1.06
N ALA C 245 -8.37 -4.65 0.39
CA ALA C 245 -8.85 -3.62 -0.51
C ALA C 245 -9.48 -2.58 0.39
N THR C 246 -8.99 -1.35 0.32
CA THR C 246 -9.51 -0.31 1.19
C THR C 246 -10.35 0.72 0.44
N ILE C 247 -11.03 1.58 1.21
CA ILE C 247 -12.01 2.54 0.68
C ILE C 247 -11.53 3.33 -0.55
N GLU C 248 -10.26 3.75 -0.56
CA GLU C 248 -9.75 4.57 -1.66
C GLU C 248 -9.85 3.90 -3.04
N LEU C 249 -10.06 2.60 -3.07
CA LEU C 249 -10.12 1.86 -4.33
C LEU C 249 -11.54 1.78 -4.87
N PHE C 250 -12.50 2.26 -4.09
CA PHE C 250 -13.90 2.07 -4.40
C PHE C 250 -14.56 3.36 -4.83
N LYS C 251 -15.54 3.24 -5.73
CA LYS C 251 -16.31 4.41 -6.17
C LYS C 251 -17.53 4.57 -5.28
N MET C 252 -17.68 5.76 -4.72
CA MET C 252 -18.86 6.06 -3.93
C MET C 252 -19.48 7.31 -4.50
N ASN C 253 -20.81 7.36 -4.44
CA ASN C 253 -21.56 8.51 -4.88
C ASN C 253 -21.76 9.59 -3.80
N PHE C 254 -21.07 9.44 -2.67
CA PHE C 254 -21.21 10.31 -1.52
C PHE C 254 -19.93 10.23 -0.72
N THR C 255 -19.83 10.99 0.37
CA THR C 255 -18.76 10.75 1.33
C THR C 255 -19.32 10.62 2.74
N PHE C 256 -18.58 9.90 3.59
CA PHE C 256 -18.98 9.70 4.97
C PHE C 256 -19.15 11.00 5.80
N ASP C 257 -18.42 12.07 5.43
CA ASP C 257 -18.60 13.39 6.06
C ASP C 257 -20.07 13.71 6.21
N GLU C 258 -20.80 13.57 5.11
CA GLU C 258 -22.19 14.00 4.99
C GLU C 258 -23.02 13.45 6.15
N TYR C 259 -22.62 12.28 6.64
CA TYR C 259 -23.36 11.60 7.71
C TYR C 259 -22.89 11.92 9.13
N TYR C 260 -21.58 12.04 9.33
CA TYR C 260 -21.08 12.31 10.68
C TYR C 260 -20.75 13.79 10.98
N SER C 261 -20.47 14.57 9.94
CA SER C 261 -20.04 15.96 10.10
C SER C 261 -21.20 16.94 9.97
N ASP C 262 -21.82 16.96 8.80
CA ASP C 262 -23.01 17.76 8.54
C ASP C 262 -24.21 16.92 8.97
N GLY C 263 -25.38 17.55 9.10
CA GLY C 263 -26.60 16.80 9.45
C GLY C 263 -26.81 15.67 8.45
N LYS C 264 -26.98 14.44 8.95
CA LYS C 264 -27.25 13.26 8.11
C LYS C 264 -28.27 13.51 7.00
N THR C 265 -27.92 13.11 5.77
CA THR C 265 -28.84 13.15 4.62
C THR C 265 -29.91 12.02 4.68
N ASN C 266 -29.94 11.30 5.81
CA ASN C 266 -30.81 10.14 6.02
C ASN C 266 -32.28 10.50 6.12
N SER C 267 -33.11 9.79 5.35
CA SER C 267 -34.50 10.20 5.21
C SER C 267 -35.47 9.04 5.12
N PHE C 268 -35.02 7.93 4.55
CA PHE C 268 -35.81 6.72 4.56
C PHE C 268 -35.91 6.18 5.98
N VAL C 269 -37.12 5.80 6.37
CA VAL C 269 -37.37 5.09 7.62
C VAL C 269 -37.95 3.72 7.28
N GLU C 270 -37.75 2.76 8.17
CA GLU C 270 -38.19 1.38 8.00
C GLU C 270 -39.70 1.24 7.85
N GLY C 271 -40.13 0.63 6.75
CA GLY C 271 -41.55 0.46 6.45
C GLY C 271 -42.06 1.32 5.31
N MET C 272 -41.24 2.26 4.86
CA MET C 272 -41.59 3.13 3.73
C MET C 272 -41.58 2.34 2.43
N LYS C 273 -42.69 2.42 1.69
CA LYS C 273 -42.80 1.81 0.37
C LYS C 273 -42.16 2.71 -0.69
N LEU C 274 -41.69 2.11 -1.78
CA LEU C 274 -41.03 2.80 -2.91
C LEU C 274 -40.94 1.84 -4.10
N GLU C 275 -40.28 2.26 -5.17
CA GLU C 275 -40.05 1.41 -6.34
C GLU C 275 -38.55 1.22 -6.56
N ALA C 276 -38.15 0.01 -6.96
CA ALA C 276 -36.73 -0.30 -7.19
C ALA C 276 -36.50 -1.30 -8.33
N VAL C 277 -35.35 -1.17 -8.99
CA VAL C 277 -34.89 -2.19 -9.92
C VAL C 277 -34.65 -3.47 -9.14
N ASP C 278 -35.23 -4.57 -9.60
CA ASP C 278 -35.02 -5.87 -8.98
C ASP C 278 -33.57 -6.33 -9.23
N PRO C 279 -32.79 -6.45 -8.16
CA PRO C 279 -31.39 -6.85 -8.28
C PRO C 279 -31.25 -8.25 -8.86
N LEU C 280 -32.31 -9.05 -8.75
CA LEU C 280 -32.33 -10.43 -9.27
C LEU C 280 -32.98 -10.56 -10.65
N ASN C 281 -33.48 -9.44 -11.18
CA ASN C 281 -34.07 -9.39 -12.51
C ASN C 281 -34.14 -7.94 -13.01
N LEU C 282 -33.10 -7.54 -13.73
CA LEU C 282 -32.87 -6.15 -14.12
C LEU C 282 -33.91 -5.61 -15.09
N SER C 283 -34.74 -6.49 -15.66
CA SER C 283 -35.81 -6.07 -16.57
C SER C 283 -37.07 -5.65 -15.80
N SER C 284 -37.01 -5.76 -14.48
CA SER C 284 -38.15 -5.54 -13.62
C SER C 284 -37.92 -4.40 -12.62
N ILE C 285 -38.87 -3.46 -12.59
CA ILE C 285 -38.93 -2.44 -11.55
C ILE C 285 -40.18 -2.72 -10.72
N CYS C 286 -40.01 -2.91 -9.41
CA CYS C 286 -41.11 -3.33 -8.52
C CYS C 286 -41.32 -2.37 -7.36
N PRO C 287 -42.53 -2.39 -6.76
CA PRO C 287 -42.72 -1.86 -5.43
C PRO C 287 -41.78 -2.56 -4.46
N ALA C 288 -41.22 -1.80 -3.51
CA ALA C 288 -40.28 -2.34 -2.54
C ALA C 288 -40.56 -1.78 -1.17
N THR C 289 -39.89 -2.31 -0.15
CA THR C 289 -40.06 -1.81 1.22
C THR C 289 -38.71 -1.62 1.93
N VAL C 290 -38.55 -0.50 2.61
CA VAL C 290 -37.38 -0.27 3.45
C VAL C 290 -37.50 -1.14 4.70
N MET C 291 -36.56 -2.07 4.84
CA MET C 291 -36.68 -3.10 5.87
C MET C 291 -35.76 -2.90 7.04
N ALA C 292 -34.60 -2.30 6.78
CA ALA C 292 -33.67 -1.91 7.82
C ALA C 292 -32.83 -0.75 7.31
N VAL C 293 -32.76 0.32 8.09
CA VAL C 293 -31.91 1.45 7.74
C VAL C 293 -30.55 1.28 8.41
N LEU C 294 -29.51 1.13 7.59
CA LEU C 294 -28.16 0.96 8.08
C LEU C 294 -27.49 2.33 8.21
N LYS C 295 -26.19 2.33 8.51
CA LYS C 295 -25.48 3.58 8.66
C LYS C 295 -25.07 4.11 7.29
N PHE C 296 -24.76 5.40 7.26
CA PHE C 296 -24.16 6.05 6.08
C PHE C 296 -25.03 5.99 4.81
N GLY C 297 -26.33 5.96 5.00
CA GLY C 297 -27.27 6.06 3.89
C GLY C 297 -27.66 4.72 3.30
N TYR C 298 -26.96 3.66 3.67
CA TYR C 298 -27.30 2.33 3.18
C TYR C 298 -28.55 1.80 3.86
N MET C 299 -29.34 1.05 3.11
CA MET C 299 -30.57 0.46 3.65
C MET C 299 -30.84 -0.91 3.02
N MET C 300 -31.53 -1.77 3.76
CA MET C 300 -31.98 -3.04 3.22
C MET C 300 -33.39 -2.87 2.66
N ILE C 301 -33.53 -3.27 1.40
CA ILE C 301 -34.77 -3.13 0.68
C ILE C 301 -35.35 -4.53 0.50
N ARG C 302 -36.66 -4.65 0.47
CA ARG C 302 -37.29 -5.90 0.11
C ARG C 302 -38.15 -5.69 -1.12
N ILE C 303 -37.85 -6.42 -2.20
CA ILE C 303 -38.65 -6.36 -3.40
C ILE C 303 -39.94 -7.12 -3.13
N ASP C 304 -41.07 -6.42 -3.24
CA ASP C 304 -42.37 -6.99 -2.83
C ASP C 304 -42.96 -8.01 -3.81
N SER C 305 -42.33 -8.16 -4.97
CA SER C 305 -42.82 -9.08 -5.98
C SER C 305 -42.46 -10.54 -5.65
N TYR C 306 -41.49 -10.74 -4.75
CA TYR C 306 -41.08 -12.08 -4.31
C TYR C 306 -42.20 -12.76 -3.51
N GLN C 307 -42.13 -14.08 -3.42
CA GLN C 307 -42.98 -14.84 -2.51
C GLN C 307 -42.64 -14.42 -1.08
N PRO C 308 -43.65 -14.38 -0.17
CA PRO C 308 -43.33 -13.93 1.20
C PRO C 308 -42.48 -15.00 1.86
N ASP C 309 -41.18 -14.75 1.91
CA ASP C 309 -40.19 -15.79 2.22
C ASP C 309 -38.84 -15.17 2.59
N ALA C 310 -38.51 -14.06 1.93
CA ALA C 310 -37.21 -13.38 2.04
C ALA C 310 -36.77 -12.98 3.46
N SER C 311 -37.58 -13.35 4.47
CA SER C 311 -37.33 -13.11 5.92
C SER C 311 -35.83 -12.96 6.32
N GLY C 312 -35.30 -11.76 6.14
CA GLY C 312 -33.87 -11.48 6.29
C GLY C 312 -33.11 -11.79 5.01
N SER C 313 -33.33 -13.00 4.49
CA SER C 313 -32.52 -13.65 3.44
C SER C 313 -32.38 -12.96 2.06
N ASP C 314 -33.48 -12.55 1.46
CA ASP C 314 -33.42 -11.96 0.11
C ASP C 314 -33.56 -10.44 0.08
N TRP C 315 -33.40 -9.80 1.23
CA TRP C 315 -33.34 -8.33 1.29
C TRP C 315 -32.09 -7.88 0.55
N PHE C 316 -32.13 -6.69 -0.03
CA PHE C 316 -31.00 -6.19 -0.78
C PHE C 316 -30.59 -4.80 -0.32
N CYS C 317 -29.29 -4.53 -0.33
CA CYS C 317 -28.76 -3.22 0.07
C CYS C 317 -28.63 -2.20 -1.05
N TYR C 318 -29.38 -1.12 -0.96
CA TYR C 318 -29.26 0.01 -1.89
C TYR C 318 -28.88 1.20 -1.04
N HIS C 319 -27.96 2.03 -1.53
CA HIS C 319 -27.66 3.30 -0.86
C HIS C 319 -28.77 4.30 -1.19
N GLU C 320 -29.13 5.17 -0.24
CA GLU C 320 -30.28 6.08 -0.42
C GLU C 320 -30.15 6.94 -1.69
N LYS C 321 -28.93 7.04 -2.20
CA LYS C 321 -28.62 7.88 -3.35
C LYS C 321 -28.59 7.10 -4.66
N SER C 322 -28.81 5.78 -4.58
CA SER C 322 -28.81 4.92 -5.76
C SER C 322 -29.81 5.33 -6.86
N PRO C 323 -29.36 5.39 -8.10
CA PRO C 323 -30.22 5.73 -9.24
C PRO C 323 -31.08 4.55 -9.68
N CYS C 324 -31.19 3.54 -8.83
CA CYS C 324 -32.04 2.39 -9.07
C CYS C 324 -33.27 2.39 -8.18
N ILE C 325 -33.42 3.42 -7.35
CA ILE C 325 -34.61 3.53 -6.52
C ILE C 325 -35.38 4.78 -6.92
N PHE C 326 -36.71 4.66 -6.92
CA PHE C 326 -37.60 5.68 -7.44
C PHE C 326 -38.82 5.82 -6.55
N PRO C 327 -39.45 7.01 -6.55
CA PRO C 327 -40.69 7.17 -5.77
C PRO C 327 -41.81 6.27 -6.31
N ALA C 328 -42.78 5.95 -5.46
CA ALA C 328 -43.98 5.25 -5.91
C ALA C 328 -44.61 6.09 -7.03
N GLY C 329 -45.01 5.40 -8.10
CA GLY C 329 -45.66 6.08 -9.21
C GLY C 329 -44.74 6.37 -10.39
N PHE C 330 -43.42 6.26 -10.14
CA PHE C 330 -42.39 6.50 -11.17
C PHE C 330 -42.68 5.77 -12.46
N CYS C 331 -42.96 4.47 -12.36
CA CYS C 331 -43.29 3.67 -13.54
C CYS C 331 -44.54 4.20 -14.22
N SER C 332 -45.58 4.45 -13.41
CA SER C 332 -46.85 4.97 -13.89
C SER C 332 -46.70 6.24 -14.73
N VAL C 333 -46.08 7.27 -14.14
CA VAL C 333 -45.89 8.56 -14.83
C VAL C 333 -45.02 8.44 -16.10
N ASN C 334 -43.98 7.62 -16.03
CA ASN C 334 -43.02 7.49 -17.13
C ASN C 334 -43.36 6.39 -18.14
N ASN C 335 -44.59 5.87 -18.06
CA ASN C 335 -45.05 4.84 -19.00
C ASN C 335 -44.11 3.62 -19.06
N ILE C 336 -43.50 3.32 -17.91
CA ILE C 336 -42.79 2.06 -17.69
C ILE C 336 -43.82 1.12 -17.09
N SER C 337 -43.86 -0.12 -17.58
CA SER C 337 -44.77 -1.11 -16.99
C SER C 337 -44.14 -1.71 -15.73
N VAL C 338 -44.86 -1.60 -14.61
CA VAL C 338 -44.34 -1.99 -13.32
C VAL C 338 -44.59 -3.47 -13.08
N THR C 339 -43.69 -4.11 -12.35
CA THR C 339 -43.90 -5.46 -11.86
C THR C 339 -44.66 -5.33 -10.55
N PRO C 340 -45.89 -5.90 -10.49
CA PRO C 340 -46.77 -5.69 -9.34
C PRO C 340 -46.28 -6.45 -8.10
N PRO C 341 -46.77 -6.06 -6.92
CA PRO C 341 -46.43 -6.82 -5.72
C PRO C 341 -47.02 -8.22 -5.76
N ASN C 342 -46.42 -9.13 -5.00
CA ASN C 342 -46.84 -10.51 -4.91
C ASN C 342 -48.33 -10.64 -4.61
N GLY C 343 -49.02 -11.46 -5.39
CA GLY C 343 -50.46 -11.66 -5.25
C GLY C 343 -51.30 -10.62 -5.98
N TYR C 344 -50.64 -9.67 -6.62
CA TYR C 344 -51.34 -8.62 -7.34
C TYR C 344 -51.29 -8.83 -8.85
N ASP C 345 -51.92 -7.93 -9.58
CA ASP C 345 -52.19 -8.14 -10.99
C ASP C 345 -51.85 -6.90 -11.79
N SER C 346 -51.12 -7.07 -12.88
CA SER C 346 -50.63 -5.92 -13.65
C SER C 346 -51.76 -5.04 -14.21
N ARG C 347 -52.82 -5.66 -14.74
CA ARG C 347 -53.95 -4.91 -15.26
C ARG C 347 -54.62 -4.09 -14.16
N THR C 348 -54.63 -4.64 -12.95
CA THR C 348 -55.39 -4.10 -11.83
C THR C 348 -54.58 -3.20 -10.89
N PHE C 349 -53.30 -3.49 -10.74
CA PHE C 349 -52.48 -2.88 -9.70
C PHE C 349 -52.46 -1.36 -9.73
N THR C 350 -52.62 -0.80 -8.54
CA THR C 350 -52.66 0.64 -8.35
C THR C 350 -51.95 0.90 -7.03
N TRP C 351 -51.05 1.89 -7.01
CA TRP C 351 -50.37 2.26 -5.76
C TRP C 351 -51.38 2.61 -4.67
N GLU C 352 -52.39 3.38 -5.04
CA GLU C 352 -53.37 3.88 -4.09
C GLU C 352 -54.18 2.74 -3.48
N GLY C 353 -54.37 1.69 -4.26
CA GLY C 353 -55.03 0.48 -3.78
C GLY C 353 -54.11 -0.31 -2.89
N TYR C 354 -52.85 -0.42 -3.30
CA TYR C 354 -51.83 -1.18 -2.58
C TYR C 354 -51.55 -0.59 -1.20
N LEU C 355 -51.46 0.75 -1.15
CA LEU C 355 -51.20 1.45 0.11
C LEU C 355 -52.37 1.33 1.08
N SER C 356 -53.59 1.40 0.58
CA SER C 356 -54.74 1.27 1.47
C SER C 356 -54.90 -0.18 1.95
N ASP C 357 -54.48 -1.14 1.13
CA ASP C 357 -54.49 -2.54 1.51
C ASP C 357 -53.48 -2.77 2.63
N THR C 358 -52.25 -2.33 2.44
CA THR C 358 -51.17 -2.63 3.37
C THR C 358 -51.11 -1.69 4.56
N GLY C 359 -51.90 -0.61 4.52
CA GLY C 359 -51.85 0.43 5.54
C GLY C 359 -50.49 1.10 5.66
N ALA C 360 -49.68 0.96 4.61
CA ALA C 360 -48.30 1.43 4.60
C ALA C 360 -48.20 2.85 4.08
N VAL C 361 -47.02 3.44 4.21
CA VAL C 361 -46.77 4.79 3.71
C VAL C 361 -45.66 4.79 2.64
N ALA C 362 -45.79 5.66 1.64
CA ALA C 362 -44.82 5.75 0.55
C ALA C 362 -43.90 6.92 0.79
N ALA C 363 -42.61 6.69 0.59
CA ALA C 363 -41.58 7.73 0.69
C ALA C 363 -41.86 8.85 -0.31
N GLY C 364 -41.77 10.10 0.16
CA GLY C 364 -41.99 11.26 -0.70
C GLY C 364 -40.88 11.49 -1.71
N GLN C 365 -41.25 12.09 -2.84
CA GLN C 365 -40.33 12.48 -3.92
C GLN C 365 -39.05 13.13 -3.41
N HIS C 366 -39.19 13.94 -2.36
CA HIS C 366 -38.07 14.71 -1.81
C HIS C 366 -36.94 13.87 -1.23
N LEU C 367 -37.22 12.61 -0.90
CA LEU C 367 -36.20 11.74 -0.30
C LEU C 367 -35.24 11.16 -1.34
N PHE C 368 -35.61 11.28 -2.61
CA PHE C 368 -34.85 10.66 -3.69
C PHE C 368 -33.88 11.60 -4.37
N HIS C 369 -32.80 11.04 -4.88
CA HIS C 369 -31.79 11.80 -5.59
C HIS C 369 -32.25 12.04 -7.02
N ASP C 370 -32.38 13.32 -7.39
CA ASP C 370 -32.97 13.67 -8.67
C ASP C 370 -32.09 14.61 -9.48
N ILE C 371 -30.92 14.11 -9.90
CA ILE C 371 -30.06 14.87 -10.79
C ILE C 371 -30.04 14.13 -12.13
N ILE C 372 -30.29 14.84 -13.22
CA ILE C 372 -30.26 14.21 -14.53
C ILE C 372 -28.98 14.61 -15.22
N PRO C 373 -27.96 13.72 -15.18
CA PRO C 373 -26.72 14.03 -15.87
C PRO C 373 -26.92 14.15 -17.38
N ASP C 374 -26.03 14.87 -18.02
CA ASP C 374 -26.08 15.12 -19.45
C ASP C 374 -25.40 13.97 -20.17
N HIS C 375 -26.03 12.80 -20.12
CA HIS C 375 -25.38 11.54 -20.48
C HIS C 375 -25.17 11.32 -21.98
N GLY C 376 -26.04 11.92 -22.78
CA GLY C 376 -25.86 11.88 -24.23
C GLY C 376 -26.45 10.67 -24.92
N PHE C 377 -26.95 9.72 -24.13
CA PHE C 377 -27.57 8.51 -24.68
C PHE C 377 -28.91 8.85 -25.30
N GLU C 378 -29.23 8.22 -26.41
CA GLU C 378 -30.55 8.32 -27.02
C GLU C 378 -30.99 7.03 -27.73
N VAL C 379 -32.31 6.86 -27.83
CA VAL C 379 -32.91 5.63 -28.32
C VAL C 379 -32.29 5.23 -29.66
N GLY C 380 -31.92 3.96 -29.79
CA GLY C 380 -31.39 3.44 -31.06
C GLY C 380 -29.89 3.35 -31.10
N MET C 381 -29.21 3.92 -30.10
CA MET C 381 -27.76 3.90 -30.02
C MET C 381 -27.21 2.51 -29.70
N SER C 382 -26.20 2.09 -30.46
CA SER C 382 -25.52 0.82 -30.22
C SER C 382 -24.41 0.96 -29.19
N LEU C 383 -24.30 -0.07 -28.34
CA LEU C 383 -23.28 -0.14 -27.29
C LEU C 383 -23.05 -1.58 -26.86
N GLU C 384 -22.04 -1.81 -26.04
CA GLU C 384 -21.72 -3.15 -25.54
C GLU C 384 -22.12 -3.23 -24.07
N CYS C 385 -22.79 -4.30 -23.69
CA CYS C 385 -23.38 -4.35 -22.37
C CYS C 385 -23.10 -5.67 -21.67
N ALA C 386 -22.63 -5.58 -20.43
CA ALA C 386 -22.46 -6.76 -19.58
C ALA C 386 -23.83 -7.38 -19.29
N ASP C 387 -23.87 -8.71 -19.27
CA ASP C 387 -25.10 -9.44 -18.97
C ASP C 387 -25.10 -9.71 -17.47
N LEU C 388 -25.88 -8.95 -16.71
CA LEU C 388 -25.80 -9.06 -15.25
C LEU C 388 -26.25 -10.39 -14.70
N MET C 389 -26.93 -11.18 -15.53
CA MET C 389 -27.42 -12.48 -15.14
C MET C 389 -26.27 -13.50 -15.31
N ASP C 390 -25.27 -13.10 -16.12
CA ASP C 390 -24.09 -13.90 -16.41
C ASP C 390 -22.95 -12.95 -16.78
N PRO C 391 -22.29 -12.35 -15.79
CA PRO C 391 -21.45 -11.18 -16.06
C PRO C 391 -20.08 -11.50 -16.67
N ARG C 392 -19.87 -12.74 -17.14
CA ARG C 392 -18.67 -12.98 -17.92
C ARG C 392 -18.92 -12.65 -19.39
N LEU C 393 -20.21 -12.50 -19.72
CA LEU C 393 -20.69 -12.09 -21.05
C LEU C 393 -20.81 -10.57 -21.21
N VAL C 394 -20.16 -10.01 -22.23
CA VAL C 394 -20.44 -8.64 -22.65
C VAL C 394 -20.99 -8.72 -24.08
N CYS C 395 -22.10 -8.02 -24.34
CA CYS C 395 -22.91 -8.30 -25.54
C CYS C 395 -23.28 -7.07 -26.36
N VAL C 396 -23.58 -7.32 -27.64
CA VAL C 396 -24.15 -6.30 -28.49
C VAL C 396 -25.51 -5.90 -27.91
N ALA C 397 -25.73 -4.60 -27.80
CA ALA C 397 -26.92 -4.09 -27.16
C ALA C 397 -27.32 -2.72 -27.72
N THR C 398 -28.59 -2.37 -27.55
CA THR C 398 -29.13 -1.11 -28.01
C THR C 398 -29.86 -0.40 -26.88
N VAL C 399 -29.78 0.93 -26.86
CA VAL C 399 -30.57 1.75 -25.95
C VAL C 399 -32.03 1.74 -26.43
N ALA C 400 -32.87 0.98 -25.72
CA ALA C 400 -34.27 0.79 -26.11
C ALA C 400 -35.13 1.93 -25.59
N ARG C 401 -34.72 2.52 -24.47
CA ARG C 401 -35.46 3.59 -23.82
C ARG C 401 -34.50 4.45 -23.01
N VAL C 402 -34.75 5.75 -23.02
CA VAL C 402 -34.08 6.65 -22.10
C VAL C 402 -35.16 7.43 -21.35
N VAL C 403 -35.29 7.13 -20.06
CA VAL C 403 -36.26 7.79 -19.19
C VAL C 403 -35.51 8.69 -18.20
N GLY C 404 -35.22 9.90 -18.66
CA GLY C 404 -34.46 10.88 -17.89
C GLY C 404 -33.03 10.43 -17.71
N ARG C 405 -32.80 9.78 -16.57
CA ARG C 405 -31.48 9.31 -16.14
C ARG C 405 -31.31 7.83 -16.44
N LEU C 406 -32.45 7.18 -16.64
CA LEU C 406 -32.54 5.74 -16.66
C LEU C 406 -32.57 5.23 -18.08
N LEU C 407 -31.94 4.08 -18.31
CA LEU C 407 -31.91 3.46 -19.62
C LEU C 407 -32.52 2.09 -19.54
N LYS C 408 -33.28 1.73 -20.57
CA LYS C 408 -33.59 0.33 -20.84
C LYS C 408 -32.69 -0.07 -21.98
N VAL C 409 -31.79 -1.01 -21.71
CA VAL C 409 -30.93 -1.54 -22.76
C VAL C 409 -31.38 -2.95 -23.17
N HIS C 410 -31.49 -3.14 -24.47
CA HIS C 410 -31.96 -4.39 -25.04
C HIS C 410 -30.81 -5.11 -25.75
N PHE C 411 -30.65 -6.40 -25.51
CA PHE C 411 -29.64 -7.19 -26.22
C PHE C 411 -30.10 -7.62 -27.62
N ASP C 412 -29.45 -7.07 -28.66
CA ASP C 412 -29.85 -7.32 -30.04
C ASP C 412 -30.08 -8.80 -30.35
N GLY C 413 -31.29 -9.13 -30.78
CA GLY C 413 -31.60 -10.49 -31.21
C GLY C 413 -31.99 -11.45 -30.10
N TRP C 414 -32.10 -10.93 -28.87
CA TRP C 414 -32.66 -11.69 -27.75
C TRP C 414 -34.06 -11.17 -27.50
N THR C 415 -34.84 -11.90 -26.69
CA THR C 415 -36.18 -11.43 -26.30
C THR C 415 -36.12 -10.24 -25.32
N ASP C 416 -37.28 -9.66 -25.02
CA ASP C 416 -37.33 -8.52 -24.12
C ASP C 416 -37.08 -8.90 -22.66
N GLU C 417 -37.28 -10.17 -22.32
CA GLU C 417 -37.10 -10.59 -20.93
C GLU C 417 -35.63 -10.55 -20.46
N TYR C 418 -34.71 -10.40 -21.41
CA TYR C 418 -33.27 -10.23 -21.10
C TYR C 418 -32.88 -8.77 -20.95
N ASP C 419 -33.84 -7.87 -21.18
CA ASP C 419 -33.58 -6.44 -21.10
C ASP C 419 -33.10 -6.07 -19.72
N GLN C 420 -32.31 -4.99 -19.66
CA GLN C 420 -31.83 -4.49 -18.38
C GLN C 420 -32.12 -3.00 -18.20
N TRP C 421 -32.73 -2.66 -17.06
CA TRP C 421 -32.80 -1.29 -16.61
C TRP C 421 -31.47 -0.98 -15.95
N LEU C 422 -30.73 -0.05 -16.53
CA LEU C 422 -29.43 0.35 -16.04
C LEU C 422 -29.37 1.87 -16.01
N ASP C 423 -28.62 2.40 -15.04
CA ASP C 423 -28.38 3.83 -14.97
C ASP C 423 -27.46 4.29 -16.10
N CYS C 424 -27.66 5.52 -16.56
CA CYS C 424 -26.85 6.04 -17.65
C CYS C 424 -25.35 6.07 -17.32
N GLU C 425 -25.04 5.99 -16.03
CA GLU C 425 -23.65 5.98 -15.59
C GLU C 425 -23.25 4.61 -15.04
N SER C 426 -24.03 3.58 -15.36
CA SER C 426 -23.66 2.20 -15.04
C SER C 426 -22.29 1.89 -15.61
N ALA C 427 -21.50 1.14 -14.84
CA ALA C 427 -20.19 0.64 -15.28
C ALA C 427 -20.30 -0.72 -15.98
N ASP C 428 -21.53 -1.13 -16.30
CA ASP C 428 -21.75 -2.37 -17.03
C ASP C 428 -22.01 -2.14 -18.53
N ILE C 429 -21.94 -0.88 -18.95
CA ILE C 429 -22.16 -0.52 -20.36
C ILE C 429 -20.92 0.14 -20.96
N TYR C 430 -20.65 -0.15 -22.23
CA TYR C 430 -19.36 0.18 -22.85
C TYR C 430 -19.53 0.60 -24.31
N PRO C 431 -18.63 1.45 -24.82
CA PRO C 431 -18.69 1.91 -26.23
C PRO C 431 -18.42 0.77 -27.21
N VAL C 432 -19.03 0.81 -28.39
CA VAL C 432 -18.71 -0.26 -29.37
C VAL C 432 -17.22 -0.21 -29.66
N GLY C 433 -16.58 -1.37 -29.58
CA GLY C 433 -15.14 -1.45 -29.75
C GLY C 433 -14.43 -1.70 -28.44
N TRP C 434 -15.15 -1.63 -27.32
CA TRP C 434 -14.54 -1.81 -26.02
C TRP C 434 -13.91 -3.20 -25.90
N CYS C 435 -14.68 -4.22 -26.27
CA CYS C 435 -14.22 -5.59 -26.16
C CYS C 435 -12.90 -5.83 -26.87
N VAL C 436 -12.80 -5.43 -28.13
CA VAL C 436 -11.53 -5.61 -28.84
C VAL C 436 -10.37 -4.82 -28.19
N LEU C 437 -10.65 -3.64 -27.66
CA LEU C 437 -9.64 -2.83 -26.96
C LEU C 437 -9.10 -3.63 -25.78
N VAL C 438 -10.01 -3.86 -24.85
CA VAL C 438 -9.75 -4.47 -23.56
C VAL C 438 -9.35 -5.95 -23.68
N ASN C 439 -9.65 -6.54 -24.85
CA ASN C 439 -9.33 -7.94 -25.14
C ASN C 439 -10.27 -8.90 -24.39
N HIS C 440 -11.58 -8.72 -24.61
CA HIS C 440 -12.65 -9.48 -23.96
C HIS C 440 -13.53 -10.01 -25.07
N LYS C 441 -14.01 -11.24 -24.93
CA LYS C 441 -14.90 -11.86 -25.93
C LYS C 441 -16.18 -11.05 -26.03
N LEU C 442 -16.60 -10.72 -27.26
CA LEU C 442 -17.88 -10.00 -27.48
C LEU C 442 -18.95 -10.95 -28.04
N GLU C 443 -20.11 -10.98 -27.38
CA GLU C 443 -21.25 -11.75 -27.87
C GLU C 443 -22.07 -10.92 -28.85
N GLY C 444 -22.37 -11.50 -30.01
CA GLY C 444 -23.25 -10.85 -30.99
C GLY C 444 -24.63 -11.43 -30.85
N PRO C 445 -25.57 -10.99 -31.70
CA PRO C 445 -26.90 -11.61 -31.67
C PRO C 445 -26.80 -13.13 -31.83
N PRO C 446 -27.64 -13.90 -31.12
CA PRO C 446 -27.60 -15.36 -31.23
C PRO C 446 -28.18 -15.86 -32.55
N ARG C 447 -27.60 -16.94 -33.07
CA ARG C 447 -28.14 -17.63 -34.24
C ARG C 447 -27.89 -19.13 -34.11
N HIS D 1 -27.53 -22.04 -15.77
CA HIS D 1 -27.42 -21.54 -17.19
C HIS D 1 -28.77 -21.17 -17.79
N ARG D 2 -28.77 -20.18 -18.67
CA ARG D 2 -29.89 -20.00 -19.59
C ARG D 2 -29.29 -19.75 -20.96
N VAL D 4 -26.56 -20.42 -23.53
CA VAL D 4 -25.67 -21.49 -23.88
C VAL D 4 -24.39 -20.89 -24.47
N LEU D 5 -23.27 -21.62 -24.36
CA LEU D 5 -21.99 -21.12 -24.87
C LEU D 5 -22.06 -20.85 -26.36
N ARG D 6 -21.55 -19.70 -26.79
CA ARG D 6 -21.62 -19.33 -28.20
C ARG D 6 -20.28 -18.94 -28.78
#